data_4K3P
#
_entry.id   4K3P
#
_cell.length_a   79.960
_cell.length_b   66.680
_cell.length_c   80.920
_cell.angle_alpha   90.000
_cell.angle_beta   114.160
_cell.angle_gamma   90.000
#
_symmetry.space_group_name_H-M   'P 1 21 1'
#
loop_
_entity.id
_entity.type
_entity.pdbx_description
1 polymer 'DNA polymerase III subunit beta'
2 polymer (ACE)QLALF
3 non-polymer 'CALCIUM ION'
4 non-polymer 1,2-ETHANEDIOL
5 non-polymer 'TETRAETHYLENE GLYCOL'
6 non-polymer DI(HYDROXYETHYL)ETHER
7 non-polymer 'TRIETHYLENE GLYCOL'
8 non-polymer 'CHLORIDE ION'
9 water water
#
loop_
_entity_poly.entity_id
_entity_poly.type
_entity_poly.pdbx_seq_one_letter_code
_entity_poly.pdbx_strand_id
1 'polypeptide(L)'
;MKFTVEREHLLKPLQQVSGPLGGRPTLPILGNLLLQVADGTLSLTGTDLEMEMVARVALVQPHEPGATTVPARKFFDICR
GLPEGAEIAVQLEGERMLVRSGRSRFSLSTLPAADFPNLDDWQSEVEFTLPQATMKRLIEATQFSMAHQDVRYYLNGMLF
ETEGEELRTVATDGHRLAVCSMPIGQSLPSHSVIVPRKGVIELMRMLDGGDNPLRVQIGSNNIRAHVGDFIFTSKLVDGR
FPDYRRVLPKNPDKHLEAGCDLLKQAFARAAILSNEKFRGVRLYVSENQLKITANNPEQEEAEEILDVTYSGAEMEIGFN
VSYVLDVLNALKCENVRMMLTDSVSSVQIEDAASQSAAYVVMPMRL
;
A,B
2 'polypeptide(L)' (ACE)QLALF E
#
loop_
_chem_comp.id
_chem_comp.type
_chem_comp.name
_chem_comp.formula
ACE non-polymer 'ACETYL GROUP' 'C2 H4 O'
CA non-polymer 'CALCIUM ION' 'Ca 2'
CL non-polymer 'CHLORIDE ION' 'Cl -1'
EDO non-polymer 1,2-ETHANEDIOL 'C2 H6 O2'
PEG non-polymer DI(HYDROXYETHYL)ETHER 'C4 H10 O3'
PG4 non-polymer 'TETRAETHYLENE GLYCOL' 'C8 H18 O5'
PGE non-polymer 'TRIETHYLENE GLYCOL' 'C6 H14 O4'
#
# COMPACT_ATOMS: atom_id res chain seq x y z
N MET A 1 -12.91 -23.10 30.71
CA MET A 1 -12.79 -23.10 29.22
C MET A 1 -11.38 -23.49 28.83
N LYS A 2 -11.26 -24.56 28.03
CA LYS A 2 -10.00 -25.04 27.48
C LYS A 2 -10.24 -25.60 26.09
N PHE A 3 -9.31 -25.32 25.17
CA PHE A 3 -9.30 -25.98 23.84
C PHE A 3 -7.91 -25.98 23.26
N THR A 4 -7.66 -26.93 22.35
CA THR A 4 -6.42 -26.99 21.60
C THR A 4 -6.71 -27.18 20.12
N VAL A 5 -6.27 -26.21 19.31
CA VAL A 5 -6.54 -26.19 17.88
C VAL A 5 -5.30 -25.81 17.09
N GLU A 6 -5.14 -26.43 15.93
CA GLU A 6 -4.08 -26.11 15.00
C GLU A 6 -4.20 -24.68 14.47
N ARG A 7 -3.06 -23.99 14.39
CA ARG A 7 -2.98 -22.60 13.91
C ARG A 7 -3.85 -22.31 12.68
N GLU A 8 -3.73 -23.14 11.65
CA GLU A 8 -4.35 -22.87 10.36
C GLU A 8 -5.87 -22.94 10.40
N HIS A 9 -6.41 -23.74 11.33
CA HIS A 9 -7.86 -23.81 11.55
C HIS A 9 -8.37 -22.62 12.36
N LEU A 10 -7.47 -21.87 12.98
CA LEU A 10 -7.85 -20.67 13.76
C LEU A 10 -7.70 -19.35 13.01
N LEU A 11 -6.74 -19.28 12.07
CA LEU A 11 -6.36 -18.01 11.44
C LEU A 11 -7.48 -17.39 10.64
N LYS A 12 -8.02 -18.16 9.71
CA LYS A 12 -9.09 -17.69 8.83
C LYS A 12 -10.34 -17.24 9.61
N PRO A 13 -10.86 -18.08 10.53
CA PRO A 13 -11.93 -17.64 11.43
C PRO A 13 -11.60 -16.35 12.18
N LEU A 14 -10.40 -16.26 12.74
CA LEU A 14 -9.95 -15.07 13.46
C LEU A 14 -9.95 -13.83 12.60
N GLN A 15 -9.40 -13.94 11.39
CA GLN A 15 -9.37 -12.83 10.45
C GLN A 15 -10.78 -12.33 10.16
N GLN A 16 -11.68 -13.26 9.88
CA GLN A 16 -13.06 -12.93 9.57
C GLN A 16 -13.76 -12.15 10.68
N VAL A 17 -13.56 -12.56 11.93
CA VAL A 17 -14.24 -11.94 13.06
C VAL A 17 -13.58 -10.64 13.55
N SER A 18 -12.31 -10.45 13.16
CA SER A 18 -11.51 -9.32 13.65
C SER A 18 -11.66 -8.01 12.88
N GLY A 19 -11.91 -8.12 11.57
CA GLY A 19 -12.07 -6.93 10.72
C GLY A 19 -13.17 -5.99 11.15
N PRO A 28 -15.31 -0.62 24.57
CA PRO A 28 -14.14 -1.43 24.95
C PRO A 28 -14.36 -2.92 24.66
N ILE A 29 -15.42 -3.51 25.21
CA ILE A 29 -15.71 -4.91 24.91
C ILE A 29 -15.88 -5.17 23.40
N LEU A 30 -16.14 -4.11 22.64
CA LEU A 30 -16.23 -4.19 21.18
C LEU A 30 -14.88 -4.48 20.53
N GLY A 31 -13.80 -4.20 21.26
CA GLY A 31 -12.44 -4.52 20.81
C GLY A 31 -12.05 -5.94 21.14
N ASN A 32 -12.91 -6.64 21.88
CA ASN A 32 -12.68 -8.04 22.21
C ASN A 32 -13.46 -9.01 21.31
N LEU A 33 -13.00 -10.26 21.26
CA LEU A 33 -13.78 -11.33 20.66
C LEU A 33 -14.37 -12.18 21.75
N LEU A 34 -15.66 -12.47 21.64
CA LEU A 34 -16.31 -13.44 22.51
C LEU A 34 -15.93 -14.84 22.04
N LEU A 35 -15.29 -15.63 22.90
CA LEU A 35 -15.00 -17.02 22.60
C LEU A 35 -15.91 -17.91 23.43
N GLN A 36 -16.42 -18.98 22.82
CA GLN A 36 -17.33 -19.90 23.48
C GLN A 36 -16.99 -21.32 23.09
N VAL A 37 -16.69 -22.14 24.10
CA VAL A 37 -16.60 -23.57 23.90
C VAL A 37 -17.92 -24.14 24.42
N ALA A 38 -18.62 -24.87 23.56
CA ALA A 38 -19.94 -25.43 23.86
C ALA A 38 -20.22 -26.51 22.86
N ASP A 39 -20.65 -27.68 23.32
CA ASP A 39 -21.09 -28.78 22.44
C ASP A 39 -20.03 -29.24 21.44
N GLY A 40 -18.76 -29.20 21.83
CA GLY A 40 -17.68 -29.58 20.93
C GLY A 40 -17.43 -28.60 19.79
N THR A 41 -17.79 -27.34 20.00
CA THR A 41 -17.52 -26.29 19.05
C THR A 41 -16.94 -25.05 19.75
N LEU A 42 -15.89 -24.48 19.17
CA LEU A 42 -15.47 -23.13 19.53
C LEU A 42 -16.15 -22.15 18.58
N SER A 43 -16.78 -21.13 19.16
CA SER A 43 -17.43 -20.08 18.39
C SER A 43 -16.78 -18.74 18.72
N LEU A 44 -16.42 -18.01 17.66
CA LEU A 44 -15.75 -16.73 17.81
C LEU A 44 -16.66 -15.67 17.21
N THR A 45 -16.98 -14.64 18.02
CA THR A 45 -17.89 -13.59 17.58
C THR A 45 -17.27 -12.20 17.77
N GLY A 46 -17.42 -11.37 16.74
CA GLY A 46 -17.08 -9.95 16.84
C GLY A 46 -18.26 -9.12 16.40
N THR A 47 -18.41 -7.94 17.00
CA THR A 47 -19.52 -7.04 16.68
C THR A 47 -19.16 -5.55 16.86
N ASP A 48 -19.84 -4.70 16.09
CA ASP A 48 -19.76 -3.25 16.27
C ASP A 48 -21.14 -2.67 16.61
N LEU A 49 -22.04 -3.55 17.06
CA LEU A 49 -23.43 -3.23 17.40
C LEU A 49 -24.37 -3.19 16.18
N GLU A 50 -23.85 -2.79 15.01
CA GLU A 50 -24.65 -2.71 13.80
C GLU A 50 -24.58 -4.01 13.02
N MET A 51 -23.43 -4.65 13.04
CA MET A 51 -23.23 -5.95 12.40
C MET A 51 -22.44 -6.92 13.30
N GLU A 52 -22.49 -8.20 12.93
CA GLU A 52 -21.95 -9.29 13.75
C GLU A 52 -21.44 -10.40 12.84
N MET A 53 -20.25 -10.94 13.15
CA MET A 53 -19.72 -12.08 12.41
C MET A 53 -19.37 -13.23 13.39
N VAL A 54 -19.82 -14.44 13.04
CA VAL A 54 -19.62 -15.62 13.87
C VAL A 54 -18.89 -16.68 13.06
N ALA A 55 -17.89 -17.31 13.67
CA ALA A 55 -17.20 -18.43 13.05
C ALA A 55 -17.31 -19.63 13.97
N ARG A 56 -17.53 -20.80 13.38
CA ARG A 56 -17.65 -22.04 14.13
CA ARG A 56 -17.65 -22.03 14.14
C ARG A 56 -16.51 -22.99 13.79
N VAL A 57 -15.73 -23.35 14.81
CA VAL A 57 -14.60 -24.22 14.62
C VAL A 57 -14.86 -25.50 15.42
N ALA A 58 -14.93 -26.62 14.72
CA ALA A 58 -15.11 -27.93 15.35
C ALA A 58 -13.89 -28.24 16.19
N LEU A 59 -14.11 -28.77 17.39
CA LEU A 59 -13.02 -29.15 18.27
C LEU A 59 -12.85 -30.66 18.28
N VAL A 60 -11.77 -31.14 17.65
CA VAL A 60 -11.48 -32.59 17.57
C VAL A 60 -10.62 -33.10 18.75
N GLN A 61 -9.87 -32.19 19.37
CA GLN A 61 -9.01 -32.54 20.52
C GLN A 61 -9.79 -32.34 21.82
N PRO A 62 -9.23 -32.78 22.98
CA PRO A 62 -9.92 -32.58 24.27
C PRO A 62 -10.20 -31.10 24.53
N HIS A 63 -11.29 -30.83 25.23
CA HIS A 63 -11.73 -29.46 25.48
C HIS A 63 -12.72 -29.40 26.63
N GLU A 64 -12.82 -28.21 27.22
CA GLU A 64 -13.73 -27.95 28.33
C GLU A 64 -14.59 -26.74 27.99
N PRO A 65 -15.87 -26.77 28.38
CA PRO A 65 -16.79 -25.69 28.04
C PRO A 65 -16.58 -24.41 28.86
N GLY A 66 -17.01 -23.29 28.29
CA GLY A 66 -16.96 -22.00 28.93
C GLY A 66 -16.84 -20.88 27.93
N ALA A 67 -16.91 -19.64 28.43
CA ALA A 67 -16.92 -18.47 27.58
C ALA A 67 -16.12 -17.31 28.18
N THR A 68 -15.48 -16.54 27.31
CA THR A 68 -14.74 -15.37 27.73
C THR A 68 -14.66 -14.39 26.57
N THR A 69 -14.00 -13.26 26.80
CA THR A 69 -13.86 -12.22 25.82
C THR A 69 -12.38 -11.78 25.88
N VAL A 70 -11.70 -11.74 24.73
CA VAL A 70 -10.27 -11.42 24.67
CA VAL A 70 -10.26 -11.47 24.65
C VAL A 70 -9.97 -10.31 23.67
N PRO A 71 -8.90 -9.52 23.91
CA PRO A 71 -8.59 -8.49 22.91
C PRO A 71 -8.41 -9.12 21.53
N ALA A 72 -9.19 -8.61 20.57
CA ALA A 72 -9.27 -9.16 19.21
C ALA A 72 -7.93 -9.18 18.46
N ARG A 73 -7.36 -8.00 18.20
CA ARG A 73 -6.14 -7.88 17.40
C ARG A 73 -4.93 -8.56 18.05
N LYS A 74 -4.79 -8.44 19.37
CA LYS A 74 -3.65 -9.08 20.05
C LYS A 74 -3.69 -10.60 19.90
N PHE A 75 -4.87 -11.20 20.09
CA PHE A 75 -5.05 -12.64 19.96
C PHE A 75 -4.83 -13.12 18.53
N PHE A 76 -5.38 -12.38 17.56
CA PHE A 76 -5.10 -12.64 16.16
C PHE A 76 -3.60 -12.52 15.87
N ASP A 77 -2.96 -11.49 16.40
CA ASP A 77 -1.53 -11.29 16.13
C ASP A 77 -0.66 -12.41 16.72
N ILE A 78 -0.95 -12.83 17.94
CA ILE A 78 -0.25 -13.95 18.55
C ILE A 78 -0.33 -15.23 17.70
N CYS A 79 -1.54 -15.60 17.28
CA CYS A 79 -1.78 -16.85 16.53
C CYS A 79 -1.11 -16.81 15.16
N ARG A 80 -1.33 -15.71 14.44
CA ARG A 80 -0.70 -15.49 13.15
C ARG A 80 0.82 -15.47 13.30
N GLY A 81 1.30 -14.85 14.38
CA GLY A 81 2.73 -14.80 14.68
C GLY A 81 3.40 -16.14 14.96
N LEU A 82 2.59 -17.14 15.29
CA LEU A 82 3.12 -18.48 15.57
C LEU A 82 3.55 -19.24 14.28
N PRO A 83 4.45 -20.23 14.41
CA PRO A 83 4.93 -20.97 13.23
C PRO A 83 3.86 -21.78 12.50
N GLU A 84 4.00 -21.89 11.18
CA GLU A 84 3.21 -22.83 10.38
C GLU A 84 3.05 -24.20 11.06
N GLY A 85 1.81 -24.66 11.22
CA GLY A 85 1.54 -25.94 11.88
C GLY A 85 1.56 -25.96 13.41
N ALA A 86 1.69 -24.79 14.03
CA ALA A 86 1.61 -24.68 15.48
C ALA A 86 0.24 -25.15 16.02
N GLU A 87 0.28 -25.87 17.13
CA GLU A 87 -0.88 -26.24 17.92
C GLU A 87 -1.04 -25.20 19.02
N ILE A 88 -2.23 -24.61 19.11
CA ILE A 88 -2.46 -23.51 20.04
C ILE A 88 -3.40 -23.95 21.17
N ALA A 89 -2.81 -24.24 22.31
CA ALA A 89 -3.53 -24.64 23.50
C ALA A 89 -3.92 -23.37 24.25
N VAL A 90 -5.19 -23.29 24.66
CA VAL A 90 -5.78 -22.10 25.24
C VAL A 90 -6.58 -22.50 26.47
N GLN A 91 -6.44 -21.73 27.55
CA GLN A 91 -7.26 -21.92 28.73
C GLN A 91 -7.46 -20.65 29.57
N LEU A 92 -8.65 -20.53 30.13
CA LEU A 92 -8.97 -19.48 31.07
C LEU A 92 -8.42 -19.84 32.43
N GLU A 93 -7.74 -18.89 33.07
CA GLU A 93 -7.26 -19.09 34.43
C GLU A 93 -7.36 -17.78 35.20
N GLY A 94 -8.30 -17.74 36.13
CA GLY A 94 -8.62 -16.52 36.86
C GLY A 94 -9.21 -15.51 35.90
N GLU A 95 -8.61 -14.33 35.87
CA GLU A 95 -9.06 -13.22 35.03
CA GLU A 95 -9.09 -13.24 35.02
C GLU A 95 -8.36 -13.22 33.67
N ARG A 96 -7.55 -14.24 33.40
CA ARG A 96 -6.71 -14.26 32.20
C ARG A 96 -6.93 -15.43 31.23
N MET A 97 -6.66 -15.19 29.96
CA MET A 97 -6.61 -16.27 28.98
C MET A 97 -5.16 -16.61 28.63
N LEU A 98 -4.76 -17.81 29.03
CA LEU A 98 -3.45 -18.34 28.72
C LEU A 98 -3.46 -18.94 27.32
N VAL A 99 -2.46 -18.58 26.50
CA VAL A 99 -2.28 -19.14 25.16
C VAL A 99 -0.88 -19.73 25.09
N ARG A 100 -0.80 -21.01 24.75
CA ARG A 100 0.47 -21.71 24.72
C ARG A 100 0.64 -22.49 23.43
N SER A 101 1.86 -22.47 22.90
CA SER A 101 2.21 -23.23 21.70
C SER A 101 3.73 -23.39 21.72
N GLY A 102 4.20 -24.63 21.64
CA GLY A 102 5.63 -24.92 21.81
C GLY A 102 6.12 -24.32 23.12
N ARG A 103 7.14 -23.46 23.04
CA ARG A 103 7.63 -22.75 24.21
C ARG A 103 7.31 -21.23 24.15
N SER A 104 6.24 -20.92 23.43
CA SER A 104 5.69 -19.58 23.36
C SER A 104 4.49 -19.56 24.28
N ARG A 105 4.44 -18.57 25.18
CA ARG A 105 3.40 -18.49 26.20
C ARG A 105 2.89 -17.06 26.36
N PHE A 106 1.57 -16.90 26.39
CA PHE A 106 0.94 -15.60 26.45
C PHE A 106 -0.20 -15.58 27.45
N SER A 107 -0.32 -14.48 28.17
CA SER A 107 -1.37 -14.26 29.16
C SER A 107 -2.08 -12.97 28.77
N LEU A 108 -3.32 -13.11 28.30
CA LEU A 108 -4.11 -11.97 27.84
C LEU A 108 -5.19 -11.59 28.85
N SER A 109 -5.51 -10.30 28.89
CA SER A 109 -6.61 -9.80 29.72
C SER A 109 -7.93 -10.23 29.10
N THR A 110 -9.00 -10.18 29.88
CA THR A 110 -10.34 -10.61 29.43
C THR A 110 -11.41 -9.67 29.94
N LEU A 111 -12.58 -9.70 29.31
CA LEU A 111 -13.78 -9.08 29.86
C LEU A 111 -14.87 -10.15 29.91
N PRO A 112 -15.79 -10.05 30.88
CA PRO A 112 -16.77 -11.12 31.07
C PRO A 112 -17.62 -11.38 29.82
N ALA A 113 -17.82 -12.64 29.47
CA ALA A 113 -18.68 -13.00 28.36
C ALA A 113 -20.08 -12.44 28.58
N ALA A 114 -20.50 -12.37 29.84
CA ALA A 114 -21.79 -11.81 30.25
C ALA A 114 -22.02 -10.41 29.69
N ASP A 115 -20.93 -9.67 29.45
CA ASP A 115 -21.04 -8.28 29.04
C ASP A 115 -21.06 -8.13 27.52
N PHE A 116 -20.74 -9.20 26.79
CA PHE A 116 -20.70 -9.12 25.34
C PHE A 116 -22.11 -8.86 24.81
N PRO A 117 -22.25 -7.85 23.91
CA PRO A 117 -23.57 -7.49 23.42
C PRO A 117 -24.09 -8.48 22.38
N ASN A 118 -25.38 -8.80 22.46
CA ASN A 118 -26.04 -9.60 21.45
C ASN A 118 -26.96 -8.72 20.62
N LEU A 119 -26.99 -8.95 19.31
CA LEU A 119 -27.97 -8.27 18.46
C LEU A 119 -29.35 -8.80 18.83
N ASP A 120 -30.37 -7.96 18.63
CA ASP A 120 -31.75 -8.37 18.87
C ASP A 120 -32.11 -9.52 17.96
N ASP A 121 -33.07 -10.33 18.41
CA ASP A 121 -33.60 -11.42 17.60
C ASP A 121 -34.53 -10.86 16.52
N TRP A 122 -34.64 -11.59 15.41
CA TRP A 122 -35.51 -11.20 14.29
C TRP A 122 -35.96 -12.45 13.52
N GLN A 123 -36.92 -12.28 12.62
CA GLN A 123 -37.44 -13.40 11.84
C GLN A 123 -37.09 -13.25 10.36
N SER A 124 -36.66 -14.35 9.75
CA SER A 124 -36.34 -14.41 8.32
C SER A 124 -37.62 -14.37 7.46
N GLU A 125 -37.68 -13.46 6.49
CA GLU A 125 -38.87 -13.36 5.62
C GLU A 125 -38.59 -13.90 4.20
N VAL A 126 -37.39 -13.63 3.68
CA VAL A 126 -36.97 -14.11 2.36
C VAL A 126 -35.67 -14.89 2.49
N GLU A 127 -35.57 -16.03 1.80
CA GLU A 127 -34.40 -16.89 1.82
C GLU A 127 -34.09 -17.44 0.45
N PHE A 128 -32.80 -17.60 0.17
CA PHE A 128 -32.34 -18.22 -1.08
C PHE A 128 -30.88 -18.66 -0.96
N THR A 129 -30.49 -19.61 -1.80
CA THR A 129 -29.11 -20.09 -1.86
C THR A 129 -28.53 -19.64 -3.22
N LEU A 130 -27.21 -19.41 -3.26
CA LEU A 130 -26.53 -19.01 -4.51
C LEU A 130 -25.05 -19.39 -4.44
N PRO A 131 -24.42 -19.69 -5.60
CA PRO A 131 -22.97 -19.89 -5.55
C PRO A 131 -22.27 -18.67 -4.95
N GLN A 132 -21.17 -18.92 -4.26
CA GLN A 132 -20.31 -17.88 -3.74
C GLN A 132 -19.85 -16.93 -4.85
N ALA A 133 -19.54 -17.50 -6.02
CA ALA A 133 -18.98 -16.76 -7.15
C ALA A 133 -20.00 -15.74 -7.70
N THR A 134 -21.28 -16.06 -7.58
CA THR A 134 -22.39 -15.17 -7.96
C THR A 134 -22.42 -13.91 -7.09
N MET A 135 -22.34 -14.09 -5.77
CA MET A 135 -22.30 -12.96 -4.83
C MET A 135 -21.06 -12.09 -5.06
N LYS A 136 -19.93 -12.73 -5.36
CA LYS A 136 -18.70 -12.03 -5.71
C LYS A 136 -18.86 -11.16 -6.96
N ARG A 137 -19.48 -11.72 -8.00
CA ARG A 137 -19.80 -10.98 -9.23
C ARG A 137 -20.72 -9.79 -8.95
N LEU A 138 -21.79 -10.04 -8.18
CA LEU A 138 -22.81 -9.02 -7.90
C LEU A 138 -22.25 -7.81 -7.20
N ILE A 139 -21.41 -8.05 -6.19
CA ILE A 139 -20.79 -6.98 -5.41
C ILE A 139 -19.67 -6.26 -6.17
N GLU A 140 -18.74 -7.01 -6.78
CA GLU A 140 -17.62 -6.40 -7.49
CA GLU A 140 -17.61 -6.42 -7.49
C GLU A 140 -18.06 -5.58 -8.69
N ALA A 141 -19.20 -5.94 -9.28
CA ALA A 141 -19.75 -5.21 -10.40
C ALA A 141 -20.26 -3.82 -10.03
N THR A 142 -20.61 -3.63 -8.77
CA THR A 142 -21.34 -2.42 -8.37
C THR A 142 -20.70 -1.61 -7.25
N GLN A 143 -19.94 -2.28 -6.39
CA GLN A 143 -19.43 -1.71 -5.13
C GLN A 143 -18.93 -0.25 -5.21
N PHE A 144 -18.09 0.02 -6.20
CA PHE A 144 -17.45 1.34 -6.39
C PHE A 144 -18.43 2.50 -6.64
N SER A 145 -19.66 2.21 -7.04
CA SER A 145 -20.64 3.27 -7.31
C SER A 145 -21.44 3.74 -6.09
N MET A 146 -21.30 3.04 -4.96
CA MET A 146 -21.90 3.48 -3.69
C MET A 146 -21.38 4.87 -3.33
N ALA A 147 -22.24 5.73 -2.79
CA ALA A 147 -21.78 6.99 -2.20
C ALA A 147 -20.86 6.69 -1.03
N HIS A 148 -20.02 7.65 -0.65
CA HIS A 148 -19.09 7.44 0.45
C HIS A 148 -19.70 7.87 1.78
N GLN A 149 -19.93 9.18 1.92
CA GLN A 149 -20.55 9.71 3.13
C GLN A 149 -21.63 10.76 2.82
N ASP A 150 -22.51 10.40 1.90
CA ASP A 150 -23.63 11.26 1.49
C ASP A 150 -24.65 11.45 2.62
N VAL A 151 -25.17 12.67 2.78
CA VAL A 151 -26.19 12.93 3.81
C VAL A 151 -27.49 12.14 3.56
N ARG A 152 -27.62 11.56 2.37
CA ARG A 152 -28.68 10.61 2.09
C ARG A 152 -28.13 9.23 2.40
N TYR A 153 -28.31 8.81 3.65
CA TYR A 153 -27.72 7.58 4.19
C TYR A 153 -27.98 6.33 3.35
N TYR A 154 -29.11 6.30 2.63
CA TYR A 154 -29.51 5.13 1.83
C TYR A 154 -28.61 4.95 0.62
N LEU A 155 -27.87 6.00 0.27
CA LEU A 155 -26.95 5.93 -0.85
C LEU A 155 -25.56 5.44 -0.43
N ASN A 156 -25.32 5.41 0.89
CA ASN A 156 -24.08 4.86 1.44
C ASN A 156 -24.27 3.38 1.76
N GLY A 157 -24.57 2.62 0.73
CA GLY A 157 -25.00 1.24 0.87
C GLY A 157 -25.36 0.67 -0.48
N MET A 158 -25.77 -0.58 -0.50
CA MET A 158 -26.05 -1.27 -1.75
C MET A 158 -27.47 -1.84 -1.70
N LEU A 159 -28.24 -1.62 -2.75
CA LEU A 159 -29.52 -2.27 -2.87
C LEU A 159 -29.32 -3.73 -3.28
N PHE A 160 -29.97 -4.62 -2.54
CA PHE A 160 -30.04 -6.01 -2.90
C PHE A 160 -31.49 -6.29 -3.20
N GLU A 161 -31.79 -6.56 -4.47
CA GLU A 161 -33.16 -6.70 -4.91
C GLU A 161 -33.38 -8.08 -5.51
N THR A 162 -34.48 -8.72 -5.11
CA THR A 162 -34.90 -9.97 -5.73
C THR A 162 -36.12 -9.72 -6.63
N GLU A 163 -36.11 -10.34 -7.81
CA GLU A 163 -37.19 -10.23 -8.77
C GLU A 163 -37.15 -11.45 -9.67
N GLY A 164 -38.25 -12.19 -9.68
CA GLY A 164 -38.35 -13.42 -10.46
C GLY A 164 -37.44 -14.50 -9.92
N GLU A 165 -36.40 -14.81 -10.69
CA GLU A 165 -35.38 -15.77 -10.26
C GLU A 165 -33.99 -15.12 -10.28
N GLU A 166 -33.98 -13.79 -10.12
CA GLU A 166 -32.76 -13.02 -10.15
C GLU A 166 -32.51 -12.25 -8.86
N LEU A 167 -31.26 -12.25 -8.44
CA LEU A 167 -30.81 -11.32 -7.41
C LEU A 167 -30.06 -10.22 -8.14
N ARG A 168 -30.30 -9.00 -7.69
CA ARG A 168 -29.79 -7.80 -8.34
C ARG A 168 -29.17 -6.87 -7.32
N THR A 169 -27.98 -6.35 -7.63
CA THR A 169 -27.40 -5.34 -6.77
C THR A 169 -27.44 -4.04 -7.53
N VAL A 170 -27.70 -2.94 -6.80
CA VAL A 170 -27.65 -1.60 -7.35
C VAL A 170 -26.88 -0.67 -6.40
N ALA A 171 -26.04 0.19 -6.96
CA ALA A 171 -25.32 1.22 -6.22
C ALA A 171 -25.23 2.52 -7.02
N THR A 172 -25.48 3.64 -6.35
CA THR A 172 -25.38 4.94 -6.98
C THR A 172 -24.98 6.00 -5.95
N ASP A 173 -24.38 7.07 -6.43
CA ASP A 173 -24.02 8.18 -5.56
C ASP A 173 -24.75 9.46 -5.98
N GLY A 174 -25.75 9.30 -6.84
CA GLY A 174 -26.51 10.45 -7.38
C GLY A 174 -25.93 11.05 -8.65
N HIS A 175 -24.69 10.70 -8.99
CA HIS A 175 -24.08 11.13 -10.26
C HIS A 175 -23.80 9.98 -11.21
N ARG A 176 -23.58 8.79 -10.66
CA ARG A 176 -23.35 7.60 -11.47
C ARG A 176 -23.99 6.40 -10.79
N LEU A 177 -24.25 5.35 -11.56
CA LEU A 177 -24.93 4.17 -11.04
C LEU A 177 -24.34 2.89 -11.62
N ALA A 178 -24.29 1.84 -10.80
CA ALA A 178 -24.00 0.50 -11.26
C ALA A 178 -25.17 -0.41 -10.89
N VAL A 179 -25.45 -1.39 -11.75
CA VAL A 179 -26.49 -2.38 -11.51
C VAL A 179 -26.04 -3.70 -12.09
N CYS A 180 -26.27 -4.79 -11.36
CA CYS A 180 -25.90 -6.10 -11.85
C CYS A 180 -26.97 -7.13 -11.48
N SER A 181 -27.27 -8.04 -12.41
CA SER A 181 -28.34 -9.04 -12.24
C SER A 181 -27.83 -10.41 -12.62
N MET A 182 -28.21 -11.41 -11.83
CA MET A 182 -27.68 -12.76 -11.97
C MET A 182 -28.78 -13.76 -11.63
N PRO A 183 -28.95 -14.79 -12.47
CA PRO A 183 -29.97 -15.80 -12.22
C PRO A 183 -29.52 -16.73 -11.09
N ILE A 184 -30.44 -17.12 -10.22
CA ILE A 184 -30.07 -18.03 -9.13
C ILE A 184 -30.97 -19.26 -9.04
N GLY A 185 -31.84 -19.40 -10.05
CA GLY A 185 -32.61 -20.62 -10.28
C GLY A 185 -33.70 -20.95 -9.27
N GLN A 186 -34.12 -19.94 -8.51
CA GLN A 186 -35.15 -20.13 -7.50
C GLN A 186 -36.29 -19.14 -7.69
N SER A 187 -37.51 -19.59 -7.43
CA SER A 187 -38.68 -18.72 -7.44
C SER A 187 -38.58 -17.77 -6.24
N LEU A 188 -38.31 -16.50 -6.50
CA LEU A 188 -38.11 -15.50 -5.45
C LEU A 188 -39.26 -14.49 -5.42
N PRO A 189 -39.57 -13.94 -4.24
CA PRO A 189 -40.57 -12.87 -4.20
C PRO A 189 -39.95 -11.55 -4.63
N SER A 190 -40.77 -10.59 -5.04
CA SER A 190 -40.27 -9.25 -5.34
C SER A 190 -39.99 -8.51 -4.04
N HIS A 191 -38.72 -8.18 -3.82
CA HIS A 191 -38.30 -7.55 -2.57
C HIS A 191 -36.96 -6.79 -2.68
N SER A 192 -36.78 -5.76 -1.85
CA SER A 192 -35.59 -4.89 -1.88
C SER A 192 -35.11 -4.49 -0.49
N VAL A 193 -33.80 -4.54 -0.29
CA VAL A 193 -33.19 -4.08 0.96
C VAL A 193 -31.89 -3.32 0.69
N ILE A 194 -31.56 -2.39 1.59
CA ILE A 194 -30.32 -1.65 1.51
C ILE A 194 -29.33 -2.13 2.59
N VAL A 195 -28.23 -2.71 2.14
CA VAL A 195 -27.15 -3.15 3.02
C VAL A 195 -26.11 -2.02 3.15
N PRO A 196 -25.86 -1.53 4.38
CA PRO A 196 -24.85 -0.48 4.59
C PRO A 196 -23.48 -0.92 4.05
N ARG A 197 -22.66 0.05 3.60
CA ARG A 197 -21.42 -0.29 2.90
C ARG A 197 -20.48 -1.18 3.72
N LYS A 198 -20.39 -0.93 5.02
CA LYS A 198 -19.59 -1.78 5.91
C LYS A 198 -20.02 -3.26 5.91
N GLY A 199 -21.32 -3.51 5.81
CA GLY A 199 -21.84 -4.87 5.64
C GLY A 199 -21.44 -5.47 4.29
N VAL A 200 -21.47 -4.63 3.26
CA VAL A 200 -21.10 -5.01 1.90
C VAL A 200 -19.62 -5.42 1.85
N ILE A 201 -18.78 -4.59 2.45
CA ILE A 201 -17.35 -4.91 2.57
C ILE A 201 -17.15 -6.26 3.26
N GLU A 202 -17.80 -6.46 4.41
CA GLU A 202 -17.67 -7.70 5.14
C GLU A 202 -18.21 -8.91 4.40
N LEU A 203 -19.40 -8.77 3.82
CA LEU A 203 -19.98 -9.85 3.02
C LEU A 203 -19.07 -10.28 1.86
N MET A 204 -18.42 -9.30 1.22
CA MET A 204 -17.48 -9.56 0.15
C MET A 204 -16.25 -10.32 0.68
N ARG A 205 -15.78 -9.94 1.87
CA ARG A 205 -14.58 -10.54 2.46
C ARG A 205 -14.74 -11.99 2.95
N MET A 206 -15.98 -12.41 3.19
CA MET A 206 -16.21 -13.78 3.67
C MET A 206 -16.21 -14.82 2.56
N LEU A 207 -16.21 -14.36 1.31
CA LEU A 207 -16.22 -15.26 0.15
C LEU A 207 -14.82 -15.79 -0.15
N ASP A 208 -14.58 -17.05 0.24
CA ASP A 208 -13.24 -17.66 0.18
C ASP A 208 -12.79 -18.09 -1.22
N GLY A 209 -13.73 -18.17 -2.15
CA GLY A 209 -13.44 -18.61 -3.52
C GLY A 209 -13.66 -20.10 -3.74
N GLY A 210 -14.04 -20.80 -2.67
CA GLY A 210 -14.33 -22.22 -2.73
C GLY A 210 -15.70 -22.52 -3.33
N ASP A 211 -16.06 -23.80 -3.37
CA ASP A 211 -17.32 -24.24 -3.97
C ASP A 211 -18.47 -24.37 -2.95
N ASN A 212 -18.23 -23.88 -1.74
CA ASN A 212 -19.26 -23.79 -0.71
C ASN A 212 -20.32 -22.76 -1.09
N PRO A 213 -21.61 -23.18 -1.06
CA PRO A 213 -22.69 -22.24 -1.37
C PRO A 213 -22.91 -21.22 -0.25
N LEU A 214 -23.56 -20.12 -0.58
CA LEU A 214 -23.92 -19.10 0.40
C LEU A 214 -25.41 -19.20 0.67
N ARG A 215 -25.81 -18.94 1.92
CA ARG A 215 -27.22 -18.98 2.28
C ARG A 215 -27.64 -17.62 2.81
N VAL A 216 -28.57 -16.97 2.10
CA VAL A 216 -29.03 -15.65 2.50
C VAL A 216 -30.41 -15.68 3.16
N GLN A 217 -30.52 -14.96 4.28
CA GLN A 217 -31.80 -14.78 4.95
C GLN A 217 -31.99 -13.29 5.12
N ILE A 218 -33.18 -12.81 4.76
CA ILE A 218 -33.49 -11.38 4.85
C ILE A 218 -34.69 -11.17 5.74
N GLY A 219 -34.51 -10.34 6.76
CA GLY A 219 -35.61 -9.93 7.62
C GLY A 219 -36.05 -8.52 7.27
N SER A 220 -36.90 -7.95 8.12
CA SER A 220 -37.45 -6.62 7.89
C SER A 220 -36.46 -5.53 8.25
N ASN A 221 -35.54 -5.82 9.16
CA ASN A 221 -34.48 -4.88 9.50
C ASN A 221 -33.10 -5.52 9.54
N ASN A 222 -32.99 -6.73 9.00
CA ASN A 222 -31.73 -7.47 9.03
C ASN A 222 -31.48 -8.35 7.81
N ILE A 223 -30.22 -8.60 7.54
CA ILE A 223 -29.80 -9.56 6.52
C ILE A 223 -28.71 -10.45 7.16
N ARG A 224 -28.75 -11.74 6.81
CA ARG A 224 -27.80 -12.72 7.31
C ARG A 224 -27.31 -13.60 6.17
N ALA A 225 -26.01 -13.80 6.10
CA ALA A 225 -25.41 -14.69 5.10
C ALA A 225 -24.57 -15.79 5.76
N HIS A 226 -24.87 -17.04 5.39
CA HIS A 226 -24.18 -18.24 5.89
CA HIS A 226 -24.17 -18.21 5.90
C HIS A 226 -23.35 -18.87 4.79
N VAL A 227 -22.05 -19.01 5.01
CA VAL A 227 -21.19 -19.73 4.10
C VAL A 227 -20.16 -20.50 4.92
N GLY A 228 -20.12 -21.82 4.72
CA GLY A 228 -19.27 -22.71 5.50
C GLY A 228 -19.59 -22.60 6.98
N ASP A 229 -18.55 -22.32 7.75
CA ASP A 229 -18.65 -22.22 9.21
C ASP A 229 -18.77 -20.76 9.69
N PHE A 230 -19.18 -19.86 8.80
CA PHE A 230 -19.28 -18.43 9.12
C PHE A 230 -20.72 -17.92 9.02
N ILE A 231 -21.13 -17.09 9.97
CA ILE A 231 -22.45 -16.47 9.95
C ILE A 231 -22.32 -14.97 10.18
N PHE A 232 -22.68 -14.21 9.14
CA PHE A 232 -22.61 -12.76 9.17
C PHE A 232 -24.01 -12.15 9.19
N THR A 233 -24.24 -11.26 10.14
CA THR A 233 -25.53 -10.58 10.29
C THR A 233 -25.33 -9.06 10.34
N SER A 234 -26.13 -8.34 9.55
CA SER A 234 -26.08 -6.89 9.52
C SER A 234 -27.48 -6.25 9.55
N LYS A 235 -27.58 -5.07 10.15
CA LYS A 235 -28.77 -4.26 10.08
C LYS A 235 -28.91 -3.64 8.68
N LEU A 236 -30.13 -3.27 8.30
CA LEU A 236 -30.38 -2.64 6.99
C LEU A 236 -30.45 -1.13 7.11
N VAL A 237 -30.58 -0.43 5.98
CA VAL A 237 -30.66 1.02 5.97
C VAL A 237 -32.08 1.48 5.57
N ASP A 238 -32.54 2.55 6.23
CA ASP A 238 -33.85 3.19 5.94
C ASP A 238 -33.78 4.17 4.79
N GLY A 239 -34.93 4.54 4.26
CA GLY A 239 -35.02 5.53 3.18
C GLY A 239 -35.32 4.88 1.84
N ARG A 240 -35.70 5.73 0.89
CA ARG A 240 -36.15 5.25 -0.41
C ARG A 240 -35.05 5.24 -1.46
N PHE A 241 -34.55 4.04 -1.76
CA PHE A 241 -33.55 3.86 -2.80
C PHE A 241 -34.16 4.22 -4.16
N PRO A 242 -33.40 4.96 -5.00
CA PRO A 242 -33.83 5.28 -6.36
C PRO A 242 -34.00 4.03 -7.22
N ASP A 243 -34.77 4.15 -8.29
CA ASP A 243 -35.13 3.03 -9.15
C ASP A 243 -34.25 3.11 -10.41
N TYR A 244 -33.37 2.12 -10.56
CA TYR A 244 -32.41 2.09 -11.68
C TYR A 244 -33.08 2.14 -13.06
N ARG A 245 -34.32 1.66 -13.15
CA ARG A 245 -35.08 1.66 -14.40
CA ARG A 245 -35.07 1.66 -14.39
C ARG A 245 -35.34 3.07 -14.91
N ARG A 246 -35.56 4.00 -13.98
CA ARG A 246 -35.74 5.44 -14.28
C ARG A 246 -34.52 6.02 -14.96
N VAL A 247 -33.36 5.50 -14.54
CA VAL A 247 -32.04 6.05 -14.83
C VAL A 247 -31.52 5.58 -16.20
N LEU A 248 -31.78 4.33 -16.56
CA LEU A 248 -31.37 3.81 -17.87
C LEU A 248 -32.03 4.60 -18.99
N PRO A 249 -31.22 5.06 -19.98
CA PRO A 249 -31.77 5.75 -21.13
C PRO A 249 -32.95 5.00 -21.71
N LYS A 250 -34.12 5.64 -21.70
CA LYS A 250 -35.37 5.06 -22.20
C LYS A 250 -35.24 4.57 -23.64
N ASN A 251 -34.51 5.30 -24.46
CA ASN A 251 -34.16 4.85 -25.80
C ASN A 251 -32.83 5.43 -26.28
N PRO A 252 -31.91 4.56 -26.77
CA PRO A 252 -30.62 4.98 -27.33
C PRO A 252 -30.54 4.89 -28.86
N ASP A 253 -30.43 6.04 -29.51
CA ASP A 253 -30.23 6.10 -30.96
C ASP A 253 -28.74 6.12 -31.34
N LYS A 254 -27.88 6.11 -30.32
CA LYS A 254 -26.45 6.26 -30.53
C LYS A 254 -25.69 5.14 -29.84
N HIS A 255 -25.07 4.27 -30.65
CA HIS A 255 -24.33 3.12 -30.16
C HIS A 255 -22.83 3.22 -30.51
N LEU A 256 -21.99 3.18 -29.49
CA LEU A 256 -20.52 3.17 -29.64
C LEU A 256 -19.95 1.86 -29.15
N GLU A 257 -18.92 1.37 -29.84
CA GLU A 257 -18.16 0.18 -29.43
CA GLU A 257 -18.16 0.19 -29.41
C GLU A 257 -16.66 0.42 -29.60
N ALA A 258 -15.88 0.07 -28.59
CA ALA A 258 -14.41 0.21 -28.60
C ALA A 258 -13.77 -0.76 -27.62
N GLY A 259 -12.49 -1.05 -27.82
CA GLY A 259 -11.72 -1.84 -26.86
C GLY A 259 -11.67 -1.16 -25.51
N CYS A 260 -11.88 -1.93 -24.45
CA CYS A 260 -11.96 -1.38 -23.10
C CYS A 260 -10.65 -0.75 -22.66
N ASP A 261 -9.53 -1.42 -22.95
CA ASP A 261 -8.23 -0.97 -22.47
C ASP A 261 -7.74 0.25 -23.24
N LEU A 262 -7.99 0.27 -24.55
CA LEU A 262 -7.67 1.44 -25.38
C LEU A 262 -8.39 2.66 -24.86
N LEU A 263 -9.70 2.54 -24.69
CA LEU A 263 -10.54 3.61 -24.17
C LEU A 263 -10.04 4.07 -22.80
N LYS A 264 -9.75 3.10 -21.92
CA LYS A 264 -9.22 3.39 -20.60
C LYS A 264 -7.95 4.23 -20.66
N GLN A 265 -6.99 3.79 -21.46
CA GLN A 265 -5.69 4.47 -21.52
C GLN A 265 -5.81 5.87 -22.12
N ALA A 266 -6.66 6.02 -23.14
CA ALA A 266 -6.96 7.33 -23.73
C ALA A 266 -7.56 8.26 -22.69
N PHE A 267 -8.62 7.82 -22.01
CA PHE A 267 -9.22 8.62 -20.93
C PHE A 267 -8.22 8.94 -19.80
N ALA A 268 -7.46 7.94 -19.34
CA ALA A 268 -6.41 8.13 -18.31
C ALA A 268 -5.38 9.23 -18.66
N ARG A 269 -4.88 9.22 -19.89
CA ARG A 269 -3.98 10.28 -20.34
C ARG A 269 -4.63 11.65 -20.40
N ALA A 270 -5.86 11.72 -20.92
CA ALA A 270 -6.61 12.98 -20.99
C ALA A 270 -6.90 13.52 -19.58
N ALA A 271 -7.17 12.60 -18.64
CA ALA A 271 -7.36 12.93 -17.21
C ALA A 271 -6.23 13.80 -16.66
N ILE A 272 -5.03 13.61 -17.20
CA ILE A 272 -3.86 14.31 -16.68
C ILE A 272 -4.00 15.83 -16.78
N LEU A 273 -4.64 16.31 -17.85
CA LEU A 273 -4.74 17.74 -18.08
C LEU A 273 -6.16 18.24 -17.85
N SER A 274 -6.94 17.46 -17.10
CA SER A 274 -8.27 17.88 -16.66
C SER A 274 -8.20 18.69 -15.35
N ASN A 275 -9.22 19.48 -15.08
CA ASN A 275 -9.31 20.20 -13.79
C ASN A 275 -9.16 19.22 -12.61
N GLU A 276 -8.26 19.55 -11.69
CA GLU A 276 -7.99 18.69 -10.53
C GLU A 276 -9.24 18.41 -9.68
N LYS A 277 -10.07 19.43 -9.48
CA LYS A 277 -11.28 19.31 -8.69
C LYS A 277 -12.43 18.71 -9.50
N PHE A 278 -12.71 19.29 -10.68
CA PHE A 278 -13.92 18.96 -11.44
C PHE A 278 -13.77 17.83 -12.45
N ARG A 279 -12.53 17.53 -12.87
CA ARG A 279 -12.17 16.34 -13.66
C ARG A 279 -12.86 16.20 -15.03
N GLY A 280 -13.31 17.33 -15.57
CA GLY A 280 -14.10 17.33 -16.80
C GLY A 280 -13.32 17.03 -18.07
N VAL A 281 -13.88 16.15 -18.89
CA VAL A 281 -13.38 15.89 -20.24
C VAL A 281 -14.55 15.97 -21.25
N ARG A 282 -14.24 16.36 -22.49
CA ARG A 282 -15.24 16.44 -23.54
CA ARG A 282 -15.24 16.44 -23.54
C ARG A 282 -15.11 15.25 -24.48
N LEU A 283 -16.25 14.70 -24.90
CA LEU A 283 -16.29 13.58 -25.86
C LEU A 283 -16.94 14.05 -27.16
N TYR A 284 -16.25 13.86 -28.28
CA TYR A 284 -16.80 14.18 -29.60
C TYR A 284 -16.95 12.89 -30.38
N VAL A 285 -18.18 12.46 -30.57
CA VAL A 285 -18.46 11.27 -31.39
C VAL A 285 -18.91 11.65 -32.80
N SER A 286 -18.35 10.94 -33.78
CA SER A 286 -18.71 11.09 -35.18
C SER A 286 -18.50 9.73 -35.84
N GLU A 287 -18.81 9.66 -37.13
CA GLU A 287 -18.68 8.43 -37.91
C GLU A 287 -17.40 7.66 -37.55
N ASN A 288 -17.55 6.59 -36.79
CA ASN A 288 -16.44 5.68 -36.43
C ASN A 288 -15.25 6.37 -35.77
N GLN A 289 -15.51 7.39 -34.97
CA GLN A 289 -14.45 8.14 -34.34
C GLN A 289 -14.86 8.68 -32.97
N LEU A 290 -13.96 8.58 -32.00
CA LEU A 290 -14.12 9.27 -30.73
C LEU A 290 -12.93 10.17 -30.49
N LYS A 291 -13.22 11.43 -30.16
CA LYS A 291 -12.20 12.35 -29.72
C LYS A 291 -12.46 12.72 -28.28
N ILE A 292 -11.41 12.67 -27.48
CA ILE A 292 -11.46 13.06 -26.08
C ILE A 292 -10.55 14.26 -25.91
N THR A 293 -11.05 15.30 -25.25
CA THR A 293 -10.24 16.50 -24.97
C THR A 293 -10.34 16.90 -23.51
N ALA A 294 -9.34 17.64 -23.03
CA ALA A 294 -9.35 18.12 -21.66
C ALA A 294 -8.53 19.38 -21.52
N ASN A 295 -8.93 20.25 -20.60
CA ASN A 295 -8.10 21.38 -20.24
C ASN A 295 -8.36 21.88 -18.83
N ASN A 296 -7.36 22.52 -18.26
CA ASN A 296 -7.39 22.95 -16.88
C ASN A 296 -7.24 24.47 -16.83
N PRO A 297 -7.38 25.07 -15.62
CA PRO A 297 -7.24 26.53 -15.47
C PRO A 297 -5.94 27.12 -16.03
N GLU A 298 -4.91 26.29 -16.24
CA GLU A 298 -3.65 26.76 -16.83
C GLU A 298 -3.66 26.75 -18.35
N GLN A 299 -4.81 26.43 -18.95
CA GLN A 299 -4.96 26.34 -20.40
C GLN A 299 -3.96 25.36 -21.06
N GLU A 300 -3.70 24.25 -20.37
CA GLU A 300 -2.97 23.11 -20.93
C GLU A 300 -4.00 22.17 -21.56
N GLU A 301 -3.67 21.56 -22.71
CA GLU A 301 -4.66 20.74 -23.43
C GLU A 301 -4.20 19.33 -23.77
N ALA A 302 -5.14 18.38 -23.64
CA ALA A 302 -4.91 16.99 -24.09
C ALA A 302 -5.88 16.61 -25.20
N GLU A 303 -5.42 15.84 -26.18
CA GLU A 303 -6.32 15.34 -27.21
C GLU A 303 -6.04 13.88 -27.56
N GLU A 304 -7.11 13.09 -27.59
CA GLU A 304 -7.02 11.67 -27.94
C GLU A 304 -8.01 11.39 -29.06
N ILE A 305 -7.55 10.74 -30.11
CA ILE A 305 -8.43 10.31 -31.19
C ILE A 305 -8.37 8.80 -31.33
N LEU A 306 -9.53 8.15 -31.33
CA LEU A 306 -9.58 6.69 -31.39
C LEU A 306 -10.56 6.16 -32.44
N ASP A 307 -10.14 5.09 -33.11
CA ASP A 307 -11.02 4.35 -34.00
C ASP A 307 -12.07 3.59 -33.18
N VAL A 308 -13.34 3.87 -33.44
CA VAL A 308 -14.42 3.16 -32.76
C VAL A 308 -15.46 2.71 -33.79
N THR A 309 -16.41 1.89 -33.37
CA THR A 309 -17.57 1.55 -34.21
C THR A 309 -18.74 2.39 -33.71
N TYR A 310 -19.16 3.35 -34.55
CA TYR A 310 -20.20 4.31 -34.21
C TYR A 310 -20.92 4.82 -35.47
N SER A 311 -22.24 4.66 -35.52
CA SER A 311 -23.00 4.93 -36.76
C SER A 311 -24.05 6.07 -36.69
N GLY A 312 -24.40 6.50 -35.48
CA GLY A 312 -25.40 7.55 -35.28
C GLY A 312 -24.97 8.97 -35.63
N ALA A 313 -25.80 9.94 -35.24
CA ALA A 313 -25.52 11.36 -35.47
C ALA A 313 -24.35 11.84 -34.62
N GLU A 314 -23.67 12.89 -35.09
CA GLU A 314 -22.53 13.46 -34.37
C GLU A 314 -22.99 14.14 -33.09
N MET A 315 -22.23 13.98 -32.02
CA MET A 315 -22.53 14.71 -30.80
C MET A 315 -21.31 14.91 -29.90
N GLU A 316 -21.44 15.90 -29.03
CA GLU A 316 -20.41 16.30 -28.08
C GLU A 316 -21.06 16.20 -26.71
N ILE A 317 -20.31 15.69 -25.73
CA ILE A 317 -20.84 15.43 -24.38
C ILE A 317 -19.71 15.44 -23.36
N GLY A 318 -19.98 16.02 -22.18
CA GLY A 318 -18.96 16.17 -21.15
C GLY A 318 -19.11 15.22 -19.98
N PHE A 319 -17.99 14.83 -19.40
CA PHE A 319 -17.99 13.92 -18.24
C PHE A 319 -16.89 14.21 -17.24
N ASN A 320 -17.16 13.83 -16.00
CA ASN A 320 -16.14 13.60 -14.99
C ASN A 320 -15.41 12.31 -15.41
N VAL A 321 -14.12 12.44 -15.75
CA VAL A 321 -13.38 11.31 -16.31
C VAL A 321 -13.14 10.19 -15.29
N SER A 322 -13.12 10.52 -14.00
CA SER A 322 -12.93 9.48 -13.00
CA SER A 322 -12.96 9.51 -12.94
C SER A 322 -14.17 8.59 -12.91
N TYR A 323 -15.33 9.14 -13.26
CA TYR A 323 -16.53 8.32 -13.30
C TYR A 323 -16.41 7.32 -14.45
N VAL A 324 -15.96 7.79 -15.63
CA VAL A 324 -15.76 6.90 -16.78
C VAL A 324 -14.69 5.85 -16.49
N LEU A 325 -13.54 6.30 -15.97
CA LEU A 325 -12.44 5.39 -15.64
C LEU A 325 -12.85 4.30 -14.63
N ASP A 326 -13.65 4.66 -13.62
CA ASP A 326 -14.15 3.67 -12.66
C ASP A 326 -14.95 2.58 -13.38
N VAL A 327 -15.71 2.98 -14.40
CA VAL A 327 -16.56 2.05 -15.14
C VAL A 327 -15.74 1.07 -15.98
N LEU A 328 -14.76 1.61 -16.72
CA LEU A 328 -13.92 0.81 -17.59
C LEU A 328 -13.04 -0.14 -16.78
N ASN A 329 -12.51 0.35 -15.65
CA ASN A 329 -11.77 -0.49 -14.69
C ASN A 329 -12.60 -1.64 -14.13
N ALA A 330 -13.91 -1.43 -14.03
CA ALA A 330 -14.81 -2.42 -13.47
C ALA A 330 -15.29 -3.40 -14.55
N LEU A 331 -15.04 -3.05 -15.81
CA LEU A 331 -15.31 -3.94 -16.95
C LEU A 331 -14.02 -4.66 -17.32
N LYS A 332 -13.92 -5.92 -16.93
CA LYS A 332 -12.72 -6.70 -17.24
C LYS A 332 -12.98 -7.47 -18.54
N CYS A 333 -13.10 -6.72 -19.63
CA CYS A 333 -13.55 -7.29 -20.89
C CYS A 333 -12.87 -6.71 -22.12
N GLU A 334 -13.00 -7.42 -23.25
CA GLU A 334 -12.44 -6.97 -24.53
C GLU A 334 -13.04 -5.68 -25.07
N ASN A 335 -14.36 -5.65 -25.25
CA ASN A 335 -15.05 -4.53 -25.89
C ASN A 335 -16.12 -3.89 -25.03
N VAL A 336 -16.19 -2.56 -25.09
CA VAL A 336 -17.16 -1.77 -24.33
C VAL A 336 -18.21 -1.20 -25.27
N ARG A 337 -19.48 -1.38 -24.92
CA ARG A 337 -20.56 -0.72 -25.63
C ARG A 337 -21.06 0.51 -24.85
N MET A 338 -21.22 1.63 -25.55
CA MET A 338 -21.78 2.85 -24.97
C MET A 338 -23.04 3.27 -25.71
N MET A 339 -24.08 3.64 -24.95
CA MET A 339 -25.38 3.97 -25.50
C MET A 339 -25.78 5.37 -25.05
N LEU A 340 -26.00 6.25 -26.02
CA LEU A 340 -26.23 7.69 -25.75
C LEU A 340 -27.59 8.22 -26.24
N THR A 341 -27.99 9.37 -25.69
CA THR A 341 -29.18 10.10 -26.17
C THR A 341 -28.78 11.48 -26.69
N ASP A 342 -28.47 12.39 -25.77
CA ASP A 342 -28.05 13.74 -26.13
C ASP A 342 -27.04 14.27 -25.12
N SER A 343 -26.53 15.48 -25.38
CA SER A 343 -25.45 16.07 -24.58
C SER A 343 -25.81 16.29 -23.12
N VAL A 344 -27.10 16.27 -22.79
CA VAL A 344 -27.52 16.50 -21.41
C VAL A 344 -28.22 15.29 -20.79
N SER A 345 -28.13 14.13 -21.43
CA SER A 345 -28.71 12.91 -20.85
C SER A 345 -27.65 11.91 -20.45
N SER A 346 -27.99 11.02 -19.54
CA SER A 346 -27.03 10.02 -19.05
C SER A 346 -26.59 9.07 -20.16
N VAL A 347 -25.43 8.44 -19.93
CA VAL A 347 -24.89 7.45 -20.84
C VAL A 347 -24.97 6.08 -20.16
N GLN A 348 -25.28 5.06 -20.95
CA GLN A 348 -25.25 3.68 -20.48
C GLN A 348 -24.00 3.00 -21.04
N ILE A 349 -23.25 2.32 -20.18
CA ILE A 349 -22.01 1.66 -20.58
C ILE A 349 -22.06 0.20 -20.15
N GLU A 350 -21.70 -0.69 -21.07
CA GLU A 350 -21.76 -2.13 -20.87
C GLU A 350 -20.56 -2.85 -21.44
N ASP A 351 -20.41 -4.11 -21.04
CA ASP A 351 -19.56 -5.07 -21.71
C ASP A 351 -20.30 -5.43 -22.99
N ALA A 352 -19.61 -5.36 -24.13
CA ALA A 352 -20.23 -5.69 -25.41
C ALA A 352 -20.78 -7.11 -25.41
N ALA A 353 -20.05 -8.02 -24.77
CA ALA A 353 -20.33 -9.45 -24.79
C ALA A 353 -21.28 -9.92 -23.69
N SER A 354 -21.69 -9.01 -22.81
CA SER A 354 -22.54 -9.38 -21.67
C SER A 354 -23.39 -8.24 -21.12
N GLN A 355 -24.69 -8.53 -20.99
CA GLN A 355 -25.66 -7.57 -20.44
C GLN A 355 -25.91 -7.74 -18.92
N SER A 356 -25.12 -8.58 -18.25
CA SER A 356 -25.21 -8.87 -16.81
C SER A 356 -25.12 -7.63 -15.93
N ALA A 357 -24.33 -6.66 -16.39
CA ALA A 357 -24.13 -5.42 -15.65
C ALA A 357 -24.34 -4.25 -16.60
N ALA A 358 -24.84 -3.14 -16.06
CA ALA A 358 -24.95 -1.91 -16.82
C ALA A 358 -24.53 -0.74 -15.93
N TYR A 359 -23.85 0.21 -16.55
CA TYR A 359 -23.31 1.36 -15.82
C TYR A 359 -23.85 2.65 -16.40
N VAL A 360 -24.39 3.50 -15.53
CA VAL A 360 -24.98 4.75 -15.97
C VAL A 360 -24.29 5.95 -15.35
N VAL A 361 -23.89 6.89 -16.20
CA VAL A 361 -23.16 8.07 -15.77
C VAL A 361 -23.82 9.32 -16.32
N MET A 362 -24.16 10.24 -15.42
CA MET A 362 -24.75 11.51 -15.80
C MET A 362 -23.64 12.47 -16.23
N PRO A 363 -23.86 13.21 -17.33
CA PRO A 363 -22.81 14.08 -17.85
C PRO A 363 -22.61 15.38 -17.08
N MET A 364 -21.61 16.14 -17.52
CA MET A 364 -21.37 17.49 -17.03
C MET A 364 -21.78 18.44 -18.14
N ARG A 365 -22.33 19.59 -17.78
CA ARG A 365 -22.61 20.66 -18.74
C ARG A 365 -21.35 21.46 -19.02
N MET B 1 13.49 24.11 -29.86
CA MET B 1 13.91 22.80 -29.31
C MET B 1 13.04 21.66 -29.84
N LYS B 2 13.68 20.65 -30.42
CA LYS B 2 12.95 19.48 -30.94
C LYS B 2 13.67 18.18 -30.61
N PHE B 3 12.89 17.17 -30.23
CA PHE B 3 13.39 15.80 -30.12
C PHE B 3 12.26 14.77 -30.23
N THR B 4 12.62 13.58 -30.71
CA THR B 4 11.71 12.44 -30.75
C THR B 4 12.42 11.22 -30.17
N VAL B 5 11.88 10.72 -29.05
CA VAL B 5 12.52 9.66 -28.26
C VAL B 5 11.53 8.57 -27.85
N GLU B 6 11.96 7.31 -27.98
CA GLU B 6 11.21 6.14 -27.51
C GLU B 6 10.79 6.33 -26.06
N ARG B 7 9.54 5.98 -25.73
CA ARG B 7 9.00 6.15 -24.35
C ARG B 7 9.93 5.59 -23.28
N GLU B 8 10.37 4.35 -23.48
CA GLU B 8 11.15 3.60 -22.48
C GLU B 8 12.56 4.14 -22.30
N HIS B 9 12.96 5.11 -23.13
CA HIS B 9 14.24 5.80 -22.92
C HIS B 9 14.05 7.09 -22.11
N LEU B 10 12.79 7.45 -21.86
CA LEU B 10 12.50 8.64 -21.07
C LEU B 10 12.09 8.32 -19.64
N LEU B 11 11.59 7.11 -19.42
CA LEU B 11 10.93 6.77 -18.16
C LEU B 11 11.87 6.72 -16.96
N LYS B 12 12.94 5.94 -17.07
CA LYS B 12 13.96 5.89 -16.01
C LYS B 12 14.58 7.25 -15.72
N PRO B 13 15.03 8.00 -16.77
CA PRO B 13 15.52 9.36 -16.51
C PRO B 13 14.51 10.26 -15.76
N LEU B 14 13.25 10.19 -16.17
CA LEU B 14 12.19 11.00 -15.56
C LEU B 14 11.93 10.58 -14.12
N GLN B 15 11.92 9.28 -13.90
CA GLN B 15 11.83 8.69 -12.57
C GLN B 15 12.94 9.26 -11.66
N GLN B 16 14.17 9.30 -12.16
CA GLN B 16 15.31 9.77 -11.39
C GLN B 16 15.32 11.28 -11.12
N VAL B 17 14.94 12.08 -12.11
CA VAL B 17 15.00 13.55 -11.98
C VAL B 17 13.83 14.15 -11.20
N SER B 18 12.72 13.42 -11.16
CA SER B 18 11.61 13.71 -10.25
C SER B 18 11.94 13.22 -8.83
N ILE B 29 8.40 26.59 -10.13
CA ILE B 29 9.46 26.11 -11.02
C ILE B 29 10.19 24.89 -10.47
N LEU B 30 10.21 24.75 -9.15
CA LEU B 30 10.80 23.58 -8.50
C LEU B 30 9.95 22.34 -8.76
N GLY B 31 8.73 22.56 -9.26
CA GLY B 31 7.87 21.48 -9.75
C GLY B 31 8.08 21.19 -11.24
N ASN B 32 8.96 21.96 -11.88
CA ASN B 32 9.32 21.74 -13.29
C ASN B 32 10.63 21.01 -13.47
N LEU B 33 10.74 20.30 -14.59
CA LEU B 33 11.99 19.76 -15.06
C LEU B 33 12.59 20.72 -16.08
N LEU B 34 13.90 20.94 -16.02
CA LEU B 34 14.61 21.62 -17.08
C LEU B 34 14.98 20.60 -18.15
N LEU B 35 14.68 20.91 -19.41
CA LEU B 35 15.05 20.03 -20.53
C LEU B 35 15.96 20.77 -21.51
N GLN B 36 17.15 20.21 -21.80
CA GLN B 36 18.07 20.84 -22.77
C GLN B 36 18.48 19.88 -23.88
N VAL B 37 18.40 20.33 -25.13
CA VAL B 37 18.91 19.56 -26.27
C VAL B 37 20.19 20.21 -26.77
N ALA B 38 21.31 19.54 -26.53
CA ALA B 38 22.64 20.01 -26.93
C ALA B 38 23.51 18.86 -27.44
N ASP B 39 24.27 19.13 -28.49
CA ASP B 39 25.30 18.20 -28.99
C ASP B 39 24.83 16.75 -29.03
N GLY B 40 23.61 16.53 -29.50
CA GLY B 40 23.06 15.18 -29.68
C GLY B 40 22.52 14.54 -28.41
N THR B 41 22.37 15.33 -27.35
CA THR B 41 21.94 14.83 -26.06
C THR B 41 20.80 15.65 -25.48
N LEU B 42 19.81 14.95 -24.93
CA LEU B 42 18.81 15.57 -24.07
C LEU B 42 19.21 15.38 -22.62
N SER B 43 19.40 16.48 -21.91
CA SER B 43 19.59 16.47 -20.47
C SER B 43 18.31 16.87 -19.79
N LEU B 44 18.00 16.15 -18.71
CA LEU B 44 16.86 16.50 -17.86
C LEU B 44 17.37 16.78 -16.44
N THR B 45 16.92 17.87 -15.85
CA THR B 45 17.35 18.26 -14.51
C THR B 45 16.15 18.49 -13.60
N GLY B 46 16.25 17.99 -12.38
CA GLY B 46 15.28 18.25 -11.33
C GLY B 46 16.01 18.78 -10.11
N THR B 47 15.37 19.65 -9.33
CA THR B 47 16.01 20.27 -8.18
C THR B 47 15.04 20.75 -7.10
N ASP B 48 15.49 20.71 -5.86
CA ASP B 48 14.74 21.28 -4.73
C ASP B 48 15.55 22.39 -4.03
N LEU B 49 16.62 22.83 -4.69
CA LEU B 49 17.57 23.83 -4.17
C LEU B 49 18.64 23.27 -3.22
N GLU B 50 18.32 22.18 -2.51
CA GLU B 50 19.28 21.49 -1.65
C GLU B 50 20.09 20.47 -2.46
N MET B 51 19.44 19.87 -3.44
CA MET B 51 20.04 18.81 -4.24
C MET B 51 19.51 18.80 -5.67
N GLU B 52 20.15 18.02 -6.51
CA GLU B 52 19.96 18.09 -7.95
C GLU B 52 20.18 16.71 -8.57
N MET B 53 19.38 16.37 -9.57
CA MET B 53 19.64 15.19 -10.38
C MET B 53 19.62 15.57 -11.85
N VAL B 54 20.68 15.21 -12.58
CA VAL B 54 20.75 15.43 -14.03
C VAL B 54 20.80 14.07 -14.73
N ALA B 55 19.97 13.89 -15.76
CA ALA B 55 19.98 12.65 -16.54
C ALA B 55 20.18 12.93 -18.02
N ARG B 56 21.02 12.13 -18.65
CA ARG B 56 21.31 12.32 -20.07
C ARG B 56 20.72 11.21 -20.91
N VAL B 57 20.19 11.57 -22.07
CA VAL B 57 19.75 10.56 -23.04
C VAL B 57 20.25 10.91 -24.44
N ALA B 58 20.83 9.92 -25.11
CA ALA B 58 21.35 10.07 -26.44
C ALA B 58 20.22 10.16 -27.47
N LEU B 59 20.40 11.00 -28.48
CA LEU B 59 19.37 11.20 -29.50
C LEU B 59 19.77 10.58 -30.83
N VAL B 60 19.20 9.41 -31.13
CA VAL B 60 19.44 8.75 -32.42
C VAL B 60 18.55 9.34 -33.53
N GLN B 61 17.40 9.87 -33.16
CA GLN B 61 16.50 10.50 -34.12
C GLN B 61 16.82 11.99 -34.31
N PRO B 62 16.41 12.57 -35.47
CA PRO B 62 16.51 13.99 -35.80
C PRO B 62 16.06 14.91 -34.68
N HIS B 63 16.82 15.97 -34.43
CA HIS B 63 16.61 16.84 -33.26
C HIS B 63 17.15 18.25 -33.50
N GLU B 64 16.63 19.21 -32.73
CA GLU B 64 17.04 20.59 -32.82
C GLU B 64 17.37 21.14 -31.44
N PRO B 65 18.47 21.91 -31.33
CA PRO B 65 18.92 22.43 -30.03
C PRO B 65 17.94 23.42 -29.40
N GLY B 66 18.08 23.62 -28.09
CA GLY B 66 17.24 24.53 -27.33
C GLY B 66 16.92 24.01 -25.94
N ALA B 67 16.30 24.87 -25.12
CA ALA B 67 15.98 24.53 -23.73
C ALA B 67 14.70 25.19 -23.23
N THR B 68 14.03 24.53 -22.30
CA THR B 68 12.80 25.00 -21.66
C THR B 68 12.54 24.16 -20.41
N THR B 69 11.54 24.55 -19.61
CA THR B 69 11.14 23.74 -18.46
C THR B 69 9.64 23.43 -18.49
N VAL B 70 9.29 22.26 -17.97
CA VAL B 70 7.95 21.68 -18.10
C VAL B 70 7.55 20.95 -16.81
N PRO B 71 6.28 21.09 -16.37
CA PRO B 71 5.80 20.40 -15.15
C PRO B 71 6.24 18.93 -15.09
N ALA B 72 6.87 18.58 -13.97
CA ALA B 72 7.52 17.29 -13.79
C ALA B 72 6.54 16.13 -13.77
N ARG B 73 5.57 16.18 -12.86
CA ARG B 73 4.62 15.10 -12.68
C ARG B 73 3.72 14.88 -13.90
N LYS B 74 3.23 15.97 -14.50
CA LYS B 74 2.39 15.89 -15.70
C LYS B 74 3.15 15.31 -16.90
N PHE B 75 4.35 15.82 -17.16
CA PHE B 75 5.18 15.28 -18.24
C PHE B 75 5.50 13.82 -17.98
N PHE B 76 5.86 13.49 -16.73
CA PHE B 76 6.11 12.11 -16.35
C PHE B 76 4.86 11.26 -16.58
N ASP B 77 3.74 11.65 -15.98
CA ASP B 77 2.46 10.93 -16.14
C ASP B 77 2.09 10.65 -17.61
N ILE B 78 2.17 11.67 -18.46
CA ILE B 78 1.83 11.53 -19.88
C ILE B 78 2.68 10.45 -20.56
N CYS B 79 4.01 10.56 -20.42
CA CYS B 79 4.96 9.60 -20.98
C CYS B 79 4.70 8.18 -20.48
N ARG B 80 4.49 8.03 -19.18
CA ARG B 80 4.19 6.74 -18.60
C ARG B 80 2.81 6.28 -19.07
N GLY B 81 1.89 7.24 -19.23
CA GLY B 81 0.53 6.95 -19.69
C GLY B 81 0.46 6.37 -21.09
N LEU B 82 1.43 6.75 -21.94
CA LEU B 82 1.44 6.37 -23.35
C LEU B 82 1.79 4.89 -23.57
N PRO B 83 1.42 4.32 -24.74
CA PRO B 83 1.54 2.87 -24.89
C PRO B 83 2.98 2.40 -24.92
N GLU B 84 3.18 1.13 -24.56
CA GLU B 84 4.48 0.48 -24.61
C GLU B 84 5.12 0.63 -26.00
N GLY B 85 6.30 1.24 -26.03
CA GLY B 85 7.07 1.43 -27.27
C GLY B 85 6.68 2.63 -28.12
N ALA B 86 6.11 3.64 -27.47
CA ALA B 86 5.64 4.85 -28.15
C ALA B 86 6.78 5.82 -28.47
N GLU B 87 6.81 6.29 -29.72
CA GLU B 87 7.69 7.38 -30.12
C GLU B 87 7.09 8.69 -29.60
N ILE B 88 7.79 9.35 -28.70
CA ILE B 88 7.33 10.61 -28.14
C ILE B 88 8.06 11.77 -28.80
N ALA B 89 7.30 12.57 -29.57
CA ALA B 89 7.81 13.76 -30.24
C ALA B 89 7.51 15.00 -29.41
N VAL B 90 8.52 15.85 -29.25
CA VAL B 90 8.41 17.03 -28.42
C VAL B 90 8.92 18.25 -29.18
N GLN B 91 8.17 19.35 -29.12
CA GLN B 91 8.65 20.64 -29.62
C GLN B 91 8.13 21.83 -28.83
N LEU B 92 8.95 22.87 -28.77
CA LEU B 92 8.59 24.15 -28.19
C LEU B 92 7.75 24.94 -29.17
N GLU B 93 6.64 25.49 -28.69
CA GLU B 93 5.75 26.28 -29.51
C GLU B 93 5.16 27.42 -28.69
N GLY B 94 5.79 28.59 -28.75
CA GLY B 94 5.38 29.73 -27.95
C GLY B 94 5.75 29.55 -26.50
N GLU B 95 4.77 29.73 -25.62
CA GLU B 95 4.94 29.50 -24.18
C GLU B 95 4.52 28.07 -23.81
N ARG B 96 4.33 27.23 -24.83
CA ARG B 96 3.82 25.88 -24.63
C ARG B 96 4.81 24.86 -25.16
N MET B 97 4.83 23.68 -24.53
CA MET B 97 5.56 22.55 -25.07
C MET B 97 4.60 21.46 -25.57
N LEU B 98 4.79 21.09 -26.83
CA LEU B 98 3.93 20.12 -27.49
C LEU B 98 4.49 18.72 -27.35
N VAL B 99 3.64 17.80 -26.91
CA VAL B 99 3.99 16.39 -26.83
C VAL B 99 3.06 15.62 -27.74
N ARG B 100 3.62 14.92 -28.71
CA ARG B 100 2.82 14.13 -29.65
C ARG B 100 3.31 12.70 -29.74
N SER B 101 2.35 11.78 -29.86
CA SER B 101 2.65 10.37 -30.04
C SER B 101 1.40 9.68 -30.54
N GLY B 102 1.52 8.97 -31.66
CA GLY B 102 0.38 8.33 -32.28
C GLY B 102 -0.68 9.36 -32.61
N ARG B 103 -1.86 9.20 -32.02
CA ARG B 103 -2.98 10.11 -32.21
CA ARG B 103 -2.93 10.16 -32.23
C ARG B 103 -3.29 10.87 -30.92
N SER B 104 -2.29 10.90 -30.03
CA SER B 104 -2.38 11.62 -28.77
C SER B 104 -1.57 12.91 -28.90
N ARG B 105 -2.12 14.01 -28.39
CA ARG B 105 -1.46 15.32 -28.44
C ARG B 105 -1.66 16.02 -27.10
N PHE B 106 -0.58 16.62 -26.58
CA PHE B 106 -0.64 17.34 -25.31
C PHE B 106 0.04 18.68 -25.42
N SER B 107 -0.41 19.63 -24.62
CA SER B 107 0.17 20.96 -24.62
C SER B 107 0.40 21.34 -23.19
N LEU B 108 1.66 21.46 -22.81
CA LEU B 108 2.02 21.77 -21.44
C LEU B 108 2.55 23.21 -21.34
N SER B 109 2.25 23.86 -20.22
CA SER B 109 2.79 25.17 -19.93
C SER B 109 4.29 25.06 -19.69
N THR B 110 5.02 26.12 -20.03
CA THR B 110 6.45 26.16 -19.82
C THR B 110 6.83 27.33 -18.94
N LEU B 111 7.96 27.20 -18.26
CA LEU B 111 8.66 28.33 -17.66
C LEU B 111 10.04 28.41 -18.33
N PRO B 112 10.63 29.62 -18.41
CA PRO B 112 11.91 29.80 -19.10
C PRO B 112 13.03 29.01 -18.44
N ALA B 113 13.90 28.44 -19.28
CA ALA B 113 15.08 27.71 -18.85
C ALA B 113 16.02 28.59 -18.02
N ALA B 114 16.17 29.84 -18.44
CA ALA B 114 17.02 30.84 -17.77
C ALA B 114 16.65 31.14 -16.31
N ASP B 115 15.44 30.80 -15.90
CA ASP B 115 15.01 30.99 -14.52
C ASP B 115 15.29 29.76 -13.65
N PHE B 116 15.63 28.64 -14.30
CA PHE B 116 15.84 27.37 -13.60
C PHE B 116 17.13 27.45 -12.76
N PRO B 117 17.02 27.21 -11.43
CA PRO B 117 18.08 27.52 -10.47
C PRO B 117 19.23 26.51 -10.44
N ASN B 118 20.46 27.01 -10.52
CA ASN B 118 21.66 26.17 -10.43
C ASN B 118 22.18 26.11 -9.01
N LEU B 119 22.70 24.95 -8.63
CA LEU B 119 23.46 24.82 -7.40
C LEU B 119 24.78 25.53 -7.61
N ASP B 120 25.28 26.20 -6.57
CA ASP B 120 26.55 26.94 -6.66
C ASP B 120 27.72 26.06 -7.04
N ASP B 121 28.71 26.66 -7.72
CA ASP B 121 29.92 25.97 -8.14
C ASP B 121 30.81 25.62 -6.94
N TRP B 122 31.49 24.48 -7.03
CA TRP B 122 32.33 24.01 -5.91
C TRP B 122 33.48 23.15 -6.43
N GLN B 123 34.51 22.98 -5.61
CA GLN B 123 35.66 22.15 -5.98
C GLN B 123 35.66 20.78 -5.28
N SER B 124 35.99 19.75 -6.04
CA SER B 124 36.14 18.40 -5.52
C SER B 124 37.47 18.29 -4.77
N GLU B 125 37.42 17.74 -3.56
CA GLU B 125 38.60 17.61 -2.71
C GLU B 125 39.00 16.13 -2.46
N VAL B 126 38.01 15.25 -2.39
CA VAL B 126 38.25 13.79 -2.33
C VAL B 126 37.36 13.02 -3.32
N GLU B 127 37.95 12.03 -3.99
CA GLU B 127 37.31 11.28 -5.06
C GLU B 127 37.65 9.81 -4.99
N PHE B 128 36.69 8.98 -5.37
CA PHE B 128 36.88 7.54 -5.43
C PHE B 128 35.77 6.91 -6.24
N THR B 129 36.10 5.73 -6.77
CA THR B 129 35.21 4.92 -7.58
C THR B 129 34.97 3.62 -6.82
N LEU B 130 33.74 3.14 -6.81
CA LEU B 130 33.42 1.85 -6.19
C LEU B 130 32.23 1.21 -6.91
N PRO B 131 32.07 -0.12 -6.78
CA PRO B 131 30.89 -0.73 -7.39
C PRO B 131 29.59 -0.16 -6.77
N GLN B 132 28.54 -0.10 -7.57
CA GLN B 132 27.22 0.32 -7.12
C GLN B 132 26.72 -0.49 -5.93
N ALA B 133 26.84 -1.81 -6.03
CA ALA B 133 26.36 -2.74 -5.00
C ALA B 133 26.96 -2.44 -3.61
N THR B 134 28.24 -2.04 -3.60
CA THR B 134 28.92 -1.66 -2.37
C THR B 134 28.28 -0.44 -1.71
N MET B 135 28.11 0.63 -2.49
CA MET B 135 27.40 1.83 -2.01
C MET B 135 26.00 1.50 -1.53
N LYS B 136 25.30 0.69 -2.30
CA LYS B 136 23.95 0.27 -1.96
C LYS B 136 23.93 -0.56 -0.66
N ARG B 137 24.89 -1.47 -0.51
CA ARG B 137 25.02 -2.23 0.74
C ARG B 137 25.25 -1.29 1.94
N LEU B 138 26.17 -0.34 1.78
CA LEU B 138 26.49 0.64 2.84
C LEU B 138 25.28 1.45 3.31
N ILE B 139 24.55 2.02 2.36
CA ILE B 139 23.38 2.83 2.65
C ILE B 139 22.24 1.99 3.23
N GLU B 140 21.93 0.87 2.58
CA GLU B 140 20.83 0.01 3.02
C GLU B 140 21.01 -0.50 4.45
N ALA B 141 22.23 -0.92 4.78
CA ALA B 141 22.52 -1.50 6.08
C ALA B 141 22.32 -0.49 7.21
N THR B 142 22.32 0.80 6.89
CA THR B 142 22.34 1.84 7.92
C THR B 142 21.16 2.83 7.85
N GLN B 143 20.61 3.05 6.65
CA GLN B 143 19.55 4.05 6.40
C GLN B 143 18.47 4.20 7.51
N PHE B 144 17.96 3.08 8.00
CA PHE B 144 16.81 3.06 8.92
C PHE B 144 17.08 3.70 10.29
N SER B 145 18.36 3.88 10.64
CA SER B 145 18.73 4.42 11.95
C SER B 145 18.96 5.93 11.94
N MET B 146 18.80 6.56 10.78
CA MET B 146 18.86 8.01 10.68
C MET B 146 17.68 8.64 11.44
N ALA B 147 17.94 9.77 12.08
CA ALA B 147 16.84 10.53 12.69
C ALA B 147 15.94 11.17 11.62
N HIS B 148 14.67 11.34 11.98
CA HIS B 148 13.68 12.07 11.17
C HIS B 148 13.39 13.40 11.86
N GLN B 149 13.87 14.50 11.29
CA GLN B 149 13.54 15.84 11.77
C GLN B 149 13.77 16.06 13.26
N ASP B 150 14.94 15.65 13.75
CA ASP B 150 15.36 16.00 15.09
C ASP B 150 15.93 17.42 15.02
N VAL B 151 15.78 18.19 16.10
CA VAL B 151 16.38 19.54 16.19
C VAL B 151 17.91 19.49 16.12
N ARG B 152 18.49 18.41 16.65
CA ARG B 152 19.89 18.06 16.39
C ARG B 152 19.98 17.68 14.90
N TYR B 153 20.06 18.71 14.05
CA TYR B 153 19.92 18.61 12.59
C TYR B 153 20.92 17.67 11.89
N TYR B 154 22.09 17.52 12.50
CA TYR B 154 23.17 16.70 11.98
C TYR B 154 22.83 15.21 12.05
N LEU B 155 21.87 14.86 12.91
CA LEU B 155 21.38 13.49 13.03
C LEU B 155 20.44 13.09 11.89
N ASN B 156 19.84 14.08 11.23
CA ASN B 156 18.94 13.82 10.13
C ASN B 156 19.72 13.63 8.84
N GLY B 157 20.52 12.58 8.82
CA GLY B 157 21.33 12.23 7.66
C GLY B 157 22.29 11.11 8.00
N MET B 158 23.32 10.95 7.19
CA MET B 158 24.21 9.79 7.34
C MET B 158 25.67 10.22 7.20
N LEU B 159 26.51 9.80 8.15
CA LEU B 159 27.95 10.04 8.06
C LEU B 159 28.55 9.14 6.97
N PHE B 160 29.36 9.75 6.11
CA PHE B 160 30.16 9.04 5.13
C PHE B 160 31.62 9.29 5.48
N GLU B 161 32.28 8.26 5.97
CA GLU B 161 33.64 8.38 6.46
C GLU B 161 34.60 7.53 5.61
N THR B 162 35.69 8.16 5.18
CA THR B 162 36.75 7.43 4.49
C THR B 162 37.93 7.26 5.44
N GLU B 163 38.52 6.06 5.42
CA GLU B 163 39.65 5.75 6.30
C GLU B 163 40.46 4.60 5.71
N GLY B 164 41.73 4.84 5.41
CA GLY B 164 42.57 3.81 4.80
C GLY B 164 42.04 3.45 3.43
N GLU B 165 41.59 2.20 3.29
CA GLU B 165 41.04 1.72 2.03
C GLU B 165 39.54 1.40 2.08
N GLU B 166 38.86 1.84 3.14
CA GLU B 166 37.42 1.55 3.22
C GLU B 166 36.50 2.77 3.26
N LEU B 167 35.28 2.56 2.81
CA LEU B 167 34.23 3.54 3.00
C LEU B 167 33.28 3.00 4.07
N ARG B 168 32.89 3.90 4.98
CA ARG B 168 32.02 3.54 6.07
C ARG B 168 30.85 4.52 6.21
N THR B 169 29.66 3.97 6.42
CA THR B 169 28.49 4.75 6.78
C THR B 169 28.09 4.55 8.25
N VAL B 170 27.70 5.65 8.90
CA VAL B 170 27.15 5.59 10.25
C VAL B 170 25.83 6.35 10.28
N ALA B 171 24.82 5.76 10.90
CA ALA B 171 23.55 6.45 11.13
C ALA B 171 23.11 6.26 12.57
N THR B 172 22.59 7.34 13.17
CA THR B 172 22.03 7.25 14.51
C THR B 172 20.98 8.31 14.75
N ASP B 173 19.99 8.01 15.59
CA ASP B 173 18.93 8.97 15.88
C ASP B 173 19.05 9.50 17.30
N GLY B 174 20.16 9.21 17.94
CA GLY B 174 20.37 9.55 19.34
C GLY B 174 20.00 8.43 20.30
N HIS B 175 19.47 7.33 19.75
CA HIS B 175 19.03 6.20 20.58
C HIS B 175 19.66 4.88 20.15
N ARG B 176 19.59 4.58 18.85
CA ARG B 176 20.23 3.37 18.31
C ARG B 176 21.18 3.73 17.19
N LEU B 177 22.23 2.93 17.03
CA LEU B 177 23.23 3.20 16.02
C LEU B 177 23.38 2.05 15.00
N ALA B 178 23.62 2.42 13.74
CA ALA B 178 24.02 1.45 12.71
C ALA B 178 25.33 1.91 12.07
N VAL B 179 26.19 0.94 11.77
CA VAL B 179 27.46 1.20 11.11
C VAL B 179 27.73 0.09 10.07
N CYS B 180 28.31 0.48 8.94
CA CYS B 180 28.73 -0.47 7.91
C CYS B 180 30.02 0.02 7.25
N SER B 181 31.01 -0.87 7.15
CA SER B 181 32.31 -0.58 6.55
C SER B 181 32.57 -1.56 5.42
N MET B 182 33.18 -1.07 4.33
CA MET B 182 33.46 -1.89 3.15
C MET B 182 34.77 -1.44 2.52
N PRO B 183 35.64 -2.38 2.13
CA PRO B 183 36.87 -1.98 1.45
C PRO B 183 36.58 -1.63 0.00
N ILE B 184 37.27 -0.63 -0.55
CA ILE B 184 36.98 -0.23 -1.93
C ILE B 184 38.21 -0.26 -2.87
N GLY B 185 39.34 -0.72 -2.34
CA GLY B 185 40.54 -0.92 -3.14
C GLY B 185 41.14 0.36 -3.70
N GLN B 186 41.14 1.41 -2.88
CA GLN B 186 41.86 2.65 -3.14
C GLN B 186 42.25 3.28 -1.82
N SER B 187 43.46 3.83 -1.77
CA SER B 187 43.87 4.59 -0.61
C SER B 187 43.07 5.88 -0.55
N LEU B 188 42.67 6.26 0.66
CA LEU B 188 41.84 7.45 0.88
C LEU B 188 42.36 8.24 2.06
N PRO B 189 42.26 9.58 1.99
CA PRO B 189 42.54 10.35 3.20
C PRO B 189 41.50 10.04 4.27
N SER B 190 41.78 10.40 5.51
CA SER B 190 40.78 10.33 6.56
C SER B 190 39.89 11.54 6.45
N HIS B 191 38.60 11.30 6.17
CA HIS B 191 37.67 12.37 5.91
C HIS B 191 36.26 11.92 6.24
N SER B 192 35.46 12.80 6.81
CA SER B 192 34.06 12.47 7.03
C SER B 192 33.12 13.61 6.68
N VAL B 193 31.98 13.25 6.08
CA VAL B 193 30.93 14.21 5.72
C VAL B 193 29.57 13.68 6.17
N ILE B 194 28.58 14.56 6.25
CA ILE B 194 27.21 14.17 6.56
C ILE B 194 26.35 14.45 5.34
N VAL B 195 25.68 13.43 4.82
CA VAL B 195 24.77 13.60 3.69
C VAL B 195 23.33 13.73 4.25
N PRO B 196 22.58 14.77 3.84
CA PRO B 196 21.19 14.95 4.31
C PRO B 196 20.36 13.71 4.03
N ARG B 197 19.40 13.40 4.89
CA ARG B 197 18.66 12.14 4.71
C ARG B 197 17.97 12.01 3.35
N LYS B 198 17.37 13.11 2.86
CA LYS B 198 16.75 13.10 1.53
C LYS B 198 17.78 12.82 0.44
N GLY B 199 18.98 13.38 0.60
CA GLY B 199 20.12 13.07 -0.27
C GLY B 199 20.49 11.59 -0.25
N VAL B 200 20.52 11.00 0.94
CA VAL B 200 20.83 9.58 1.07
C VAL B 200 19.81 8.73 0.30
N ILE B 201 18.53 8.94 0.60
CA ILE B 201 17.45 8.25 -0.09
C ILE B 201 17.58 8.41 -1.61
N GLU B 202 17.82 9.63 -2.08
CA GLU B 202 17.95 9.87 -3.50
C GLU B 202 19.21 9.23 -4.12
N LEU B 203 20.32 9.22 -3.38
CA LEU B 203 21.51 8.53 -3.82
C LEU B 203 21.21 7.04 -3.97
N MET B 204 20.56 6.48 -2.94
CA MET B 204 20.17 5.08 -2.90
C MET B 204 19.39 4.64 -4.15
N ARG B 205 18.33 5.37 -4.50
CA ARG B 205 17.51 4.94 -5.64
C ARG B 205 18.09 5.25 -7.04
N MET B 206 19.14 6.06 -7.10
CA MET B 206 19.88 6.27 -8.36
C MET B 206 20.64 4.99 -8.75
N LEU B 207 20.77 4.07 -7.81
CA LEU B 207 21.56 2.87 -8.01
C LEU B 207 20.70 1.66 -8.35
N ASP B 208 20.90 1.12 -9.55
CA ASP B 208 20.30 -0.17 -9.95
C ASP B 208 21.18 -1.36 -9.58
N GLY B 209 22.36 -1.08 -9.02
CA GLY B 209 23.31 -2.13 -8.62
C GLY B 209 23.99 -2.82 -9.81
N GLY B 210 23.61 -2.40 -11.02
CA GLY B 210 24.17 -2.90 -12.28
C GLY B 210 25.65 -2.70 -12.42
N ASP B 211 26.16 -2.89 -13.63
CA ASP B 211 27.60 -2.94 -13.85
C ASP B 211 28.33 -1.59 -13.97
N ASN B 212 27.60 -0.49 -14.10
CA ASN B 212 28.21 0.86 -14.14
C ASN B 212 28.86 1.23 -12.80
N PRO B 213 30.16 1.61 -12.81
CA PRO B 213 30.79 2.02 -11.55
C PRO B 213 30.22 3.34 -11.04
N LEU B 214 30.28 3.57 -9.73
CA LEU B 214 29.84 4.83 -9.16
C LEU B 214 31.05 5.69 -8.83
N ARG B 215 31.05 6.92 -9.30
CA ARG B 215 32.12 7.86 -8.96
C ARG B 215 31.59 8.89 -7.97
N VAL B 216 32.29 9.01 -6.86
CA VAL B 216 31.93 9.96 -5.83
C VAL B 216 32.96 11.09 -5.81
N GLN B 217 32.47 12.31 -5.60
CA GLN B 217 33.30 13.50 -5.50
C GLN B 217 32.78 14.29 -4.29
N ILE B 218 33.67 14.56 -3.34
CA ILE B 218 33.31 15.26 -2.13
C ILE B 218 34.07 16.59 -2.05
N GLY B 219 33.33 17.67 -1.88
CA GLY B 219 33.91 18.98 -1.62
C GLY B 219 33.65 19.34 -0.17
N SER B 220 33.99 20.56 0.23
CA SER B 220 33.86 20.93 1.63
C SER B 220 32.41 21.08 2.05
N ASN B 221 31.56 21.53 1.13
CA ASN B 221 30.14 21.69 1.42
C ASN B 221 29.20 20.91 0.49
N ASN B 222 29.76 20.06 -0.39
CA ASN B 222 28.96 19.36 -1.39
C ASN B 222 29.41 17.92 -1.69
N ILE B 223 28.49 17.08 -2.16
CA ILE B 223 28.81 15.72 -2.62
C ILE B 223 28.15 15.46 -3.98
N ARG B 224 28.82 14.65 -4.80
CA ARG B 224 28.34 14.29 -6.12
C ARG B 224 28.60 12.82 -6.43
N ALA B 225 27.56 12.14 -6.92
CA ALA B 225 27.66 10.75 -7.35
C ALA B 225 27.35 10.62 -8.85
N HIS B 226 28.30 10.02 -9.58
CA HIS B 226 28.25 9.83 -11.05
C HIS B 226 28.01 8.36 -11.41
N VAL B 227 26.83 8.01 -11.92
CA VAL B 227 26.59 6.64 -12.44
C VAL B 227 26.02 6.61 -13.84
N GLY B 228 26.77 6.07 -14.78
CA GLY B 228 26.33 5.95 -16.17
C GLY B 228 25.83 7.27 -16.71
N ASP B 229 24.54 7.32 -17.06
CA ASP B 229 23.89 8.52 -17.62
C ASP B 229 23.34 9.51 -16.58
N PHE B 230 23.61 9.28 -15.29
CA PHE B 230 22.97 10.07 -14.22
C PHE B 230 23.97 10.75 -13.31
N ILE B 231 23.66 11.98 -12.90
CA ILE B 231 24.55 12.77 -12.02
C ILE B 231 23.75 13.39 -10.88
N PHE B 232 24.06 12.97 -9.66
CA PHE B 232 23.43 13.50 -8.46
C PHE B 232 24.37 14.49 -7.77
N THR B 233 23.82 15.58 -7.25
CA THR B 233 24.61 16.54 -6.45
C THR B 233 23.79 16.98 -5.25
N SER B 234 24.44 17.04 -4.09
CA SER B 234 23.77 17.50 -2.86
C SER B 234 24.66 18.41 -2.04
N LYS B 235 24.03 19.35 -1.33
CA LYS B 235 24.70 20.04 -0.22
C LYS B 235 24.94 19.00 0.88
N LEU B 236 26.03 19.19 1.61
CA LEU B 236 26.31 18.43 2.83
C LEU B 236 25.71 19.13 4.04
N VAL B 237 25.54 18.39 5.13
CA VAL B 237 25.04 18.97 6.37
C VAL B 237 26.24 19.55 7.12
N ASP B 238 26.15 20.84 7.36
CA ASP B 238 27.20 21.60 8.00
C ASP B 238 27.09 21.46 9.51
N GLY B 239 27.60 20.35 10.02
CA GLY B 239 27.50 20.03 11.44
C GLY B 239 28.54 19.02 11.87
N ARG B 240 28.52 18.69 13.16
CA ARG B 240 29.44 17.73 13.75
C ARG B 240 28.70 16.50 14.22
N PHE B 241 28.99 15.38 13.56
CA PHE B 241 28.38 14.07 13.86
C PHE B 241 28.95 13.51 15.17
N PRO B 242 28.15 12.71 15.91
CA PRO B 242 28.67 12.01 17.12
C PRO B 242 29.70 10.96 16.76
N ASP B 243 30.54 10.57 17.71
CA ASP B 243 31.58 9.56 17.43
C ASP B 243 31.06 8.15 17.68
N TYR B 244 31.04 7.33 16.63
CA TYR B 244 30.51 5.98 16.73
C TYR B 244 31.39 5.06 17.58
N ARG B 245 32.69 5.34 17.62
CA ARG B 245 33.64 4.56 18.42
C ARG B 245 33.29 4.58 19.90
N ARG B 246 32.67 5.68 20.33
CA ARG B 246 32.37 5.90 21.74
C ARG B 246 31.14 5.13 22.22
N VAL B 247 30.34 4.65 21.26
CA VAL B 247 29.06 4.01 21.55
C VAL B 247 29.19 2.48 21.58
N LEU B 248 30.20 1.94 20.89
CA LEU B 248 30.41 0.50 20.79
C LEU B 248 30.92 -0.13 22.09
N PRO B 249 30.23 -1.18 22.58
CA PRO B 249 30.58 -1.92 23.78
C PRO B 249 32.02 -2.46 23.80
N LYS B 250 32.74 -2.20 24.89
CA LYS B 250 34.16 -2.59 25.02
C LYS B 250 34.31 -4.07 25.34
N ASN B 251 35.10 -4.76 24.52
CA ASN B 251 35.35 -6.20 24.68
C ASN B 251 34.14 -7.01 25.19
N PRO B 252 33.05 -7.06 24.41
CA PRO B 252 31.89 -7.86 24.83
C PRO B 252 32.25 -9.34 24.81
N ASP B 253 32.24 -9.97 25.98
CA ASP B 253 32.77 -11.34 26.08
C ASP B 253 31.69 -12.43 26.07
N LYS B 254 30.44 -12.05 25.83
CA LYS B 254 29.35 -13.01 25.86
C LYS B 254 28.60 -13.01 24.54
N HIS B 255 28.76 -14.10 23.81
CA HIS B 255 28.27 -14.18 22.44
C HIS B 255 27.20 -15.24 22.30
N LEU B 256 25.99 -14.78 22.03
CA LEU B 256 24.87 -15.63 21.70
C LEU B 256 24.72 -15.71 20.18
N GLU B 257 24.51 -16.92 19.65
CA GLU B 257 24.21 -17.09 18.23
C GLU B 257 22.91 -17.84 18.06
N ALA B 258 22.05 -17.31 17.19
CA ALA B 258 20.77 -17.92 16.91
C ALA B 258 20.37 -17.67 15.47
N GLY B 259 19.58 -18.59 14.92
CA GLY B 259 18.91 -18.37 13.64
C GLY B 259 18.24 -17.02 13.65
N CYS B 260 18.57 -16.20 12.65
CA CYS B 260 18.00 -14.86 12.55
C CYS B 260 16.46 -14.83 12.55
N ASP B 261 15.85 -15.69 11.74
CA ASP B 261 14.39 -15.70 11.64
C ASP B 261 13.68 -16.15 12.93
N LEU B 262 14.20 -17.21 13.55
CA LEU B 262 13.65 -17.73 14.81
C LEU B 262 13.69 -16.68 15.92
N LEU B 263 14.81 -15.96 16.01
CA LEU B 263 14.96 -14.89 16.99
C LEU B 263 14.00 -13.72 16.69
N LYS B 264 13.86 -13.40 15.41
CA LYS B 264 12.98 -12.33 14.97
C LYS B 264 11.53 -12.66 15.26
N GLN B 265 11.11 -13.89 14.91
CA GLN B 265 9.73 -14.30 15.13
C GLN B 265 9.37 -14.37 16.62
N ALA B 266 10.35 -14.75 17.45
CA ALA B 266 10.17 -14.78 18.91
C ALA B 266 9.99 -13.37 19.46
N PHE B 267 10.85 -12.45 19.02
CA PHE B 267 10.74 -11.04 19.44
C PHE B 267 9.47 -10.41 18.91
N ALA B 268 9.04 -10.79 17.71
CA ALA B 268 7.81 -10.22 17.12
C ALA B 268 6.57 -10.63 17.90
N ARG B 269 6.47 -11.90 18.28
CA ARG B 269 5.34 -12.31 19.11
C ARG B 269 5.38 -11.66 20.49
N ALA B 270 6.56 -11.58 21.10
CA ALA B 270 6.72 -10.97 22.41
C ALA B 270 6.36 -9.47 22.40
N ALA B 271 6.81 -8.76 21.36
CA ALA B 271 6.46 -7.36 21.12
C ALA B 271 4.98 -7.04 21.34
N ILE B 272 4.10 -7.99 21.01
CA ILE B 272 2.64 -7.79 21.10
C ILE B 272 2.17 -7.40 22.51
N LEU B 273 2.87 -7.85 23.55
CA LEU B 273 2.48 -7.62 24.92
C LEU B 273 3.48 -6.71 25.66
N SER B 274 4.33 -6.03 24.88
CA SER B 274 5.21 -5.00 25.39
C SER B 274 4.49 -3.65 25.41
N ASN B 275 4.99 -2.77 26.27
CA ASN B 275 4.56 -1.37 26.33
C ASN B 275 4.56 -0.68 24.94
N GLU B 276 3.39 -0.21 24.51
CA GLU B 276 3.23 0.36 23.18
C GLU B 276 4.10 1.56 22.89
N LYS B 277 4.45 2.30 23.94
CA LYS B 277 5.23 3.52 23.86
C LYS B 277 6.73 3.21 23.98
N PHE B 278 7.11 2.34 24.92
CA PHE B 278 8.52 2.14 25.24
C PHE B 278 9.10 0.79 24.85
N ARG B 279 8.22 -0.17 24.58
CA ARG B 279 8.59 -1.43 23.88
C ARG B 279 9.70 -2.25 24.55
N GLY B 280 9.77 -2.17 25.88
CA GLY B 280 10.79 -2.90 26.65
C GLY B 280 10.55 -4.41 26.71
N VAL B 281 11.57 -5.19 26.37
CA VAL B 281 11.50 -6.63 26.57
C VAL B 281 12.74 -7.08 27.33
N ARG B 282 12.63 -8.18 28.07
CA ARG B 282 13.71 -8.70 28.92
C ARG B 282 14.28 -9.98 28.32
N LEU B 283 15.61 -10.10 28.38
CA LEU B 283 16.33 -11.32 28.00
C LEU B 283 16.97 -11.99 29.20
N TYR B 284 16.66 -13.26 29.42
CA TYR B 284 17.39 -14.09 30.36
C TYR B 284 18.21 -15.06 29.53
N VAL B 285 19.53 -14.98 29.65
CA VAL B 285 20.40 -15.87 28.91
C VAL B 285 21.11 -16.87 29.83
N SER B 286 21.09 -18.13 29.43
CA SER B 286 21.71 -19.22 30.19
C SER B 286 22.27 -20.22 29.18
N GLU B 287 22.78 -21.36 29.64
CA GLU B 287 23.52 -22.29 28.76
C GLU B 287 22.69 -22.75 27.58
N ASN B 288 23.12 -22.34 26.38
CA ASN B 288 22.45 -22.64 25.11
C ASN B 288 20.94 -22.37 25.08
N GLN B 289 20.50 -21.37 25.83
CA GLN B 289 19.07 -21.04 25.91
C GLN B 289 18.84 -19.55 26.12
N LEU B 290 17.80 -19.04 25.46
CA LEU B 290 17.37 -17.66 25.67
C LEU B 290 15.88 -17.64 26.00
N LYS B 291 15.51 -16.82 26.98
CA LYS B 291 14.14 -16.60 27.34
C LYS B 291 13.81 -15.13 27.18
N ILE B 292 12.77 -14.85 26.40
CA ILE B 292 12.29 -13.48 26.18
C ILE B 292 10.98 -13.28 26.91
N THR B 293 10.88 -12.19 27.67
CA THR B 293 9.63 -11.84 28.35
C THR B 293 9.22 -10.39 28.05
N ALA B 294 7.92 -10.17 28.01
CA ALA B 294 7.35 -8.85 27.81
C ALA B 294 6.12 -8.67 28.71
N ASN B 295 5.93 -7.47 29.24
CA ASN B 295 4.66 -7.09 29.87
C ASN B 295 4.24 -5.65 29.62
N ASN B 296 2.93 -5.41 29.61
CA ASN B 296 2.41 -4.07 29.40
C ASN B 296 1.73 -3.51 30.67
N PRO B 297 1.26 -2.24 30.63
CA PRO B 297 0.56 -1.70 31.80
C PRO B 297 -0.74 -2.43 32.17
N GLU B 298 -1.33 -3.17 31.23
CA GLU B 298 -2.51 -3.99 31.54
C GLU B 298 -2.16 -5.34 32.17
N GLN B 299 -0.88 -5.52 32.50
CA GLN B 299 -0.35 -6.74 33.13
C GLN B 299 -0.51 -8.00 32.26
N GLU B 300 -0.67 -7.80 30.95
CA GLU B 300 -0.58 -8.91 29.99
C GLU B 300 0.89 -9.31 29.88
N GLU B 301 1.14 -10.60 29.66
CA GLU B 301 2.52 -11.12 29.71
C GLU B 301 2.80 -12.06 28.54
N ALA B 302 4.00 -11.96 27.99
CA ALA B 302 4.47 -12.87 26.92
C ALA B 302 5.80 -13.49 27.34
N GLU B 303 6.00 -14.76 26.98
CA GLU B 303 7.25 -15.45 27.24
C GLU B 303 7.61 -16.35 26.06
N GLU B 304 8.87 -16.25 25.63
CA GLU B 304 9.40 -17.05 24.53
C GLU B 304 10.70 -17.72 25.00
N ILE B 305 10.82 -19.01 24.72
CA ILE B 305 12.03 -19.74 25.05
C ILE B 305 12.54 -20.39 23.78
N LEU B 306 13.82 -20.23 23.48
CA LEU B 306 14.40 -20.90 22.33
C LEU B 306 15.85 -21.33 22.52
N ASP B 307 16.21 -22.41 21.83
CA ASP B 307 17.56 -22.94 21.80
C ASP B 307 18.44 -21.96 21.06
N VAL B 308 19.66 -21.75 21.57
CA VAL B 308 20.63 -20.85 20.97
C VAL B 308 22.03 -21.38 21.25
N THR B 309 23.04 -20.76 20.67
CA THR B 309 24.41 -21.08 21.05
C THR B 309 24.95 -20.03 22.01
N TYR B 310 25.11 -20.43 23.27
CA TYR B 310 25.61 -19.56 24.34
C TYR B 310 26.27 -20.37 25.46
N SER B 311 27.42 -19.89 25.92
CA SER B 311 28.18 -20.61 26.96
C SER B 311 28.80 -19.67 28.00
N GLY B 312 28.45 -18.39 27.95
CA GLY B 312 28.96 -17.41 28.92
C GLY B 312 28.22 -17.42 30.25
N ALA B 313 28.51 -16.42 31.09
CA ALA B 313 27.85 -16.30 32.39
C ALA B 313 26.36 -15.99 32.21
N GLU B 314 25.53 -16.55 33.08
CA GLU B 314 24.11 -16.24 33.03
C GLU B 314 23.95 -14.75 33.26
N MET B 315 23.15 -14.10 32.42
CA MET B 315 22.81 -12.70 32.63
C MET B 315 21.41 -12.33 32.14
N GLU B 316 20.90 -11.25 32.70
CA GLU B 316 19.68 -10.63 32.25
C GLU B 316 20.00 -9.28 31.59
N ILE B 317 19.12 -8.85 30.68
CA ILE B 317 19.20 -7.53 30.05
C ILE B 317 17.86 -7.22 29.36
N GLY B 318 17.50 -5.95 29.34
CA GLY B 318 16.31 -5.51 28.63
C GLY B 318 16.67 -4.53 27.53
N PHE B 319 15.78 -4.41 26.54
CA PHE B 319 15.89 -3.37 25.54
C PHE B 319 14.62 -3.12 24.78
N ASN B 320 14.68 -2.10 23.93
CA ASN B 320 13.59 -1.71 23.04
C ASN B 320 13.47 -2.73 21.91
N VAL B 321 12.36 -3.46 21.92
CA VAL B 321 12.14 -4.52 20.93
C VAL B 321 11.95 -3.96 19.51
N SER B 322 11.40 -2.76 19.38
CA SER B 322 11.29 -2.16 18.03
C SER B 322 12.67 -1.91 17.43
N TYR B 323 13.62 -1.47 18.27
CA TYR B 323 15.00 -1.33 17.80
C TYR B 323 15.62 -2.65 17.37
N VAL B 324 15.39 -3.71 18.13
CA VAL B 324 15.98 -5.01 17.80
C VAL B 324 15.32 -5.60 16.57
N LEU B 325 13.98 -5.55 16.52
CA LEU B 325 13.28 -5.97 15.31
C LEU B 325 13.79 -5.23 14.06
N ASP B 326 14.05 -3.93 14.18
CA ASP B 326 14.60 -3.16 13.07
C ASP B 326 15.94 -3.72 12.58
N VAL B 327 16.81 -4.05 13.54
CA VAL B 327 18.13 -4.56 13.24
C VAL B 327 17.98 -5.91 12.55
N LEU B 328 17.18 -6.79 13.14
CA LEU B 328 17.00 -8.15 12.63
C LEU B 328 16.38 -8.17 11.24
N ASN B 329 15.47 -7.23 10.98
CA ASN B 329 14.91 -7.06 9.65
C ASN B 329 15.92 -6.56 8.64
N ALA B 330 16.76 -5.63 9.07
CA ALA B 330 17.85 -5.13 8.21
C ALA B 330 18.87 -6.24 7.88
N LEU B 331 19.14 -7.11 8.85
CA LEU B 331 20.18 -8.13 8.68
C LEU B 331 19.79 -9.22 7.66
N LYS B 332 18.54 -9.69 7.70
CA LYS B 332 18.04 -10.69 6.72
C LYS B 332 19.08 -11.74 6.38
N CYS B 333 19.58 -12.44 7.39
CA CYS B 333 20.63 -13.43 7.19
C CYS B 333 20.21 -14.77 7.80
N GLU B 334 21.14 -15.72 7.85
CA GLU B 334 20.86 -17.00 8.46
C GLU B 334 21.00 -16.92 9.99
N ASN B 335 22.13 -16.41 10.44
CA ASN B 335 22.48 -16.42 11.87
C ASN B 335 22.93 -15.07 12.37
N VAL B 336 22.50 -14.74 13.57
CA VAL B 336 22.80 -13.44 14.20
C VAL B 336 23.70 -13.66 15.41
N ARG B 337 24.60 -12.71 15.65
CA ARG B 337 25.44 -12.69 16.83
C ARG B 337 25.03 -11.47 17.68
N MET B 338 24.67 -11.73 18.94
CA MET B 338 24.39 -10.65 19.93
C MET B 338 25.54 -10.63 20.94
N MET B 339 26.34 -9.58 20.88
CA MET B 339 27.53 -9.47 21.72
C MET B 339 27.18 -8.71 22.98
N LEU B 340 27.21 -9.42 24.10
CA LEU B 340 26.65 -8.98 25.35
C LEU B 340 27.72 -8.76 26.40
N THR B 341 27.47 -7.84 27.33
CA THR B 341 28.39 -7.56 28.42
C THR B 341 27.73 -7.87 29.77
N ASP B 342 26.79 -7.01 30.17
CA ASP B 342 26.05 -7.18 31.42
C ASP B 342 24.73 -6.43 31.29
N SER B 343 23.96 -6.40 32.38
CA SER B 343 22.64 -5.77 32.39
C SER B 343 22.69 -4.26 32.25
N VAL B 344 23.82 -3.64 32.56
CA VAL B 344 23.93 -2.18 32.49
C VAL B 344 24.65 -1.68 31.22
N SER B 345 24.82 -2.56 30.24
CA SER B 345 25.61 -2.22 29.04
C SER B 345 24.86 -2.43 27.73
N SER B 346 25.25 -1.67 26.71
CA SER B 346 24.68 -1.79 25.39
C SER B 346 24.93 -3.17 24.79
N VAL B 347 24.23 -3.44 23.71
CA VAL B 347 24.39 -4.70 23.02
C VAL B 347 24.76 -4.41 21.56
N GLN B 348 25.76 -5.11 21.06
CA GLN B 348 26.12 -5.04 19.65
C GLN B 348 25.54 -6.25 18.93
N ILE B 349 24.85 -5.99 17.82
CA ILE B 349 24.27 -7.07 17.02
C ILE B 349 24.92 -7.10 15.64
N GLU B 350 25.22 -8.31 15.14
CA GLU B 350 25.84 -8.47 13.82
C GLU B 350 25.32 -9.73 13.13
N ASP B 351 25.49 -9.79 11.81
CA ASP B 351 25.36 -11.04 11.05
C ASP B 351 26.45 -11.95 11.61
N ALA B 352 26.09 -13.14 12.06
CA ALA B 352 27.09 -14.04 12.64
C ALA B 352 28.22 -14.35 11.63
N ALA B 353 27.96 -14.12 10.34
CA ALA B 353 28.94 -14.46 9.30
C ALA B 353 29.72 -13.25 8.75
N SER B 354 29.46 -12.06 9.27
CA SER B 354 30.09 -10.84 8.75
C SER B 354 30.19 -9.76 9.82
N GLN B 355 31.37 -9.16 9.93
CA GLN B 355 31.59 -8.08 10.87
C GLN B 355 31.46 -6.72 10.17
N SER B 356 31.13 -6.73 8.88
CA SER B 356 31.09 -5.50 8.09
C SER B 356 29.97 -4.55 8.50
N ALA B 357 28.87 -5.09 9.03
CA ALA B 357 27.79 -4.27 9.58
C ALA B 357 27.56 -4.54 11.07
N ALA B 358 27.42 -3.47 11.86
CA ALA B 358 27.20 -3.62 13.30
C ALA B 358 26.10 -2.66 13.79
N TYR B 359 25.41 -3.07 14.85
CA TYR B 359 24.25 -2.33 15.33
C TYR B 359 24.26 -2.27 16.83
N VAL B 360 24.06 -1.09 17.38
CA VAL B 360 24.10 -0.90 18.83
C VAL B 360 22.76 -0.43 19.39
N VAL B 361 22.26 -1.18 20.36
CA VAL B 361 21.03 -0.90 21.06
C VAL B 361 21.38 -0.72 22.53
N MET B 362 20.77 0.29 23.15
CA MET B 362 20.99 0.59 24.56
C MET B 362 20.25 -0.37 25.48
N PRO B 363 20.70 -0.48 26.74
CA PRO B 363 20.00 -1.35 27.68
C PRO B 363 18.85 -0.62 28.35
N MET B 364 17.84 -1.40 28.75
CA MET B 364 16.72 -0.89 29.51
C MET B 364 16.64 -1.61 30.85
N ARG B 365 16.46 -0.86 31.92
CA ARG B 365 16.06 -1.43 33.21
C ARG B 365 14.54 -1.45 33.23
N LEU B 366 13.99 -2.65 33.24
CA LEU B 366 12.54 -2.81 33.13
C LEU B 366 11.91 -3.20 34.46
C ACE C 1 -21.76 20.11 -14.14
O ACE C 1 -22.72 19.99 -14.88
CH3 ACE C 1 -20.83 21.29 -14.31
N GLN C 2 -21.47 19.30 -13.12
CA GLN C 2 -22.00 17.91 -12.99
C GLN C 2 -23.51 17.92 -12.81
N LEU C 3 -24.21 17.23 -13.70
CA LEU C 3 -25.66 17.09 -13.56
C LEU C 3 -26.03 15.93 -12.64
N ALA C 4 -27.21 16.02 -12.03
CA ALA C 4 -27.70 14.96 -11.13
C ALA C 4 -28.37 13.86 -11.94
N LEU C 5 -28.13 12.60 -11.58
CA LEU C 5 -28.83 11.45 -12.16
C LEU C 5 -30.32 11.44 -11.80
N PHE C 6 -30.61 11.95 -10.60
CA PHE C 6 -31.96 11.97 -10.03
C PHE C 6 -31.95 12.83 -8.76
CA CA D . -29.22 -5.55 -15.36
C1 EDO E . -6.85 17.41 -35.78
O1 EDO E . -6.13 16.46 -34.98
C2 EDO E . -8.34 17.10 -35.74
O2 EDO E . -8.85 17.39 -34.43
CA CA F . -16.70 -19.46 31.76
CA CA G . -12.20 19.84 -20.19
O1 PG4 H . 36.29 19.94 -13.67
C1 PG4 H . 35.06 20.26 -13.02
C2 PG4 H . 35.15 19.87 -11.54
O2 PG4 H . 34.03 19.06 -11.18
C3 PG4 H . 34.08 18.58 -9.85
C4 PG4 H . 33.20 19.42 -8.93
O3 PG4 H . 31.94 19.71 -9.55
C5 PG4 H . 31.82 21.12 -9.78
C6 PG4 H . 30.35 21.52 -9.82
O4 PG4 H . 30.13 22.27 -11.01
C7 PG4 H . 28.81 22.11 -11.52
C8 PG4 H . 28.85 21.26 -12.78
O5 PG4 H . 27.67 20.45 -12.81
C1 PEG I . 16.09 16.38 -7.35
O1 PEG I . 15.25 15.24 -7.63
C2 PEG I . 15.55 17.14 -6.14
O2 PEG I . 14.49 16.42 -5.50
C3 PEG I . 13.19 16.97 -5.77
C4 PEG I . 12.32 17.02 -4.53
O4 PEG I . 13.14 17.04 -3.34
CA CA J . 3.83 -16.23 31.29
C1 PEG K . 2.58 -2.51 21.16
O1 PEG K . 3.67 -2.74 22.06
C2 PEG K . 1.53 -3.62 21.26
O2 PEG K . 1.33 -4.19 19.97
C3 PEG K . 0.24 -5.12 19.91
C4 PEG K . 0.24 -5.81 18.55
O4 PEG K . -1.06 -6.36 18.30
C1 PGE L . 13.08 -21.11 32.77
O1 PGE L . 12.15 -21.93 32.06
C2 PGE L . 14.22 -20.68 31.86
O2 PGE L . 15.38 -20.44 32.65
C3 PGE L . 15.94 -19.14 32.42
C4 PGE L . 16.03 -18.39 33.75
O4 PGE L . 12.96 -15.83 34.72
C6 PGE L . 14.24 -15.95 35.36
C5 PGE L . 14.68 -17.40 35.44
O3 PGE L . 14.73 -17.96 34.12
CA CA M . 7.67 -2.38 -27.51
CL CL N . 23.53 6.26 20.41
#